data_1K54
#
_entry.id   1K54
#
_cell.length_a   66.649
_cell.length_b   82.480
_cell.length_c   101.957
_cell.angle_alpha   90.00
_cell.angle_beta   95.38
_cell.angle_gamma   90.00
#
_symmetry.space_group_name_H-M   'P 1 21 1'
#
loop_
_entity.id
_entity.type
_entity.pdbx_description
1 polymer 'Beta lactamase OXA-10'
2 polymer 'Beta lactamase OXA-10'
3 non-polymer 'SULFATE ION'
4 non-polymer '(1R)-2-(1-CARBOXY-2-HYDROXY-2-METHYL-PROPYL)-5,5-DIMETHYL-THIAZOLIDINE-4-CARBOXYLIC ACID'
5 non-polymer 1,2-ETHANEDIOL
6 water water
#
loop_
_entity_poly.entity_id
_entity_poly.type
_entity_poly.pdbx_seq_one_letter_code
_entity_poly.pdbx_strand_id
1 'polypeptide(L)'
;SITENTSWNKEFSAEAVNGVFVLCKSSSKSCATNDLARASKEYLPASTF(KCX)IPNAIIGLETGVIKNEHQVFKWDGKP
RAMKQWERDLTLRGAIQVSAVPVFQQIAREVGEVRMQKYLKKFSYGNQNISGGIDKFWLEGQLRISAVNQVEFLESLYLN
KLSASKENQLIVKEALVTEAAPEYLVHSKTGFSGVGTESNPGVAWWVGWVEKETEVYFFAFNMDIDNESKLPLRKSIPTK
IMESEGIIGG
;
A,B
2 'polypeptide(L)'
;SITENTSWNKEFSAEAVNGVFVLCKSSSKSCATNDLARASKEYLPASTFKIPNAIIGLETGVIKNEHQVFKWDGKPRAMK
QWERDLTLRGAIQVSAVPVFQQIAREVGEVRMQKYLKKFSYGNQNISGGIDKFWLEGQLRISAVNQVEFLESLYLNKLSA
SKENQLIVKEALVTEAAPEYLVHSKTGFSGVGTESNPGVAWWVGWVEKETEVYFFAFNMDIDNESKLPLRKSIPTKIMES
EGIIGG
;
C,D
#
# COMPACT_ATOMS: atom_id res chain seq x y z
N ILE A 2 18.05 -23.21 41.86
CA ILE A 2 17.76 -24.03 40.65
C ILE A 2 18.46 -25.40 40.64
N THR A 3 17.78 -26.39 41.19
CA THR A 3 18.15 -27.80 41.04
C THR A 3 18.20 -28.32 39.59
N GLU A 4 18.93 -29.43 39.42
CA GLU A 4 19.11 -30.09 38.14
C GLU A 4 18.32 -31.39 38.09
N ASN A 5 17.55 -31.58 37.02
CA ASN A 5 16.76 -32.80 36.83
C ASN A 5 17.40 -33.65 35.74
N THR A 6 18.26 -34.57 36.14
CA THR A 6 18.96 -35.43 35.20
C THR A 6 18.05 -36.33 34.39
N SER A 7 16.88 -36.65 34.92
CA SER A 7 15.94 -37.51 34.21
C SER A 7 15.50 -36.85 32.89
N TRP A 8 15.52 -35.53 32.83
CA TRP A 8 15.12 -34.79 31.64
C TRP A 8 16.07 -34.99 30.47
N ASN A 9 17.29 -35.40 30.75
CA ASN A 9 18.24 -35.65 29.68
C ASN A 9 17.76 -36.76 28.75
N LYS A 10 16.89 -37.62 29.28
CA LYS A 10 16.34 -38.74 28.52
C LYS A 10 15.70 -38.28 27.21
N GLU A 11 15.14 -37.07 27.21
CA GLU A 11 14.49 -36.53 26.03
C GLU A 11 15.50 -36.00 25.00
N PHE A 12 16.73 -35.74 25.44
CA PHE A 12 17.80 -35.24 24.58
C PHE A 12 18.66 -36.36 23.99
N SER A 13 18.74 -37.47 24.69
CA SER A 13 19.63 -38.57 24.31
C SER A 13 19.33 -39.17 22.94
N ALA A 14 18.05 -39.37 22.65
CA ALA A 14 17.63 -40.00 21.40
C ALA A 14 18.18 -39.31 20.14
N GLU A 15 18.07 -37.99 20.10
CA GLU A 15 18.51 -37.21 18.95
C GLU A 15 19.96 -36.73 19.08
N ALA A 16 20.64 -37.14 20.13
CA ALA A 16 22.01 -36.71 20.36
C ALA A 16 22.04 -35.18 20.37
N VAL A 17 21.03 -34.58 20.99
CA VAL A 17 20.93 -33.13 21.04
C VAL A 17 21.68 -32.57 22.23
N ASN A 18 22.48 -31.54 21.98
CA ASN A 18 23.14 -30.81 23.03
C ASN A 18 22.34 -29.53 23.24
N GLY A 19 21.61 -29.47 24.35
CA GLY A 19 20.78 -28.31 24.63
C GLY A 19 20.41 -28.24 26.09
N VAL A 20 19.54 -27.30 26.40
CA VAL A 20 19.11 -27.10 27.77
C VAL A 20 17.64 -26.67 27.82
N PHE A 21 16.93 -27.14 28.84
CA PHE A 21 15.56 -26.72 29.09
C PHE A 21 15.51 -26.18 30.51
N VAL A 22 14.94 -24.98 30.65
CA VAL A 22 14.74 -24.38 31.96
C VAL A 22 13.25 -24.22 32.16
N LEU A 23 12.73 -24.75 33.25
CA LEU A 23 11.30 -24.70 33.53
C LEU A 23 11.07 -24.21 34.96
N CYS A 24 10.26 -23.16 35.10
CA CYS A 24 10.00 -22.56 36.40
C CYS A 24 8.53 -22.49 36.75
N LYS A 25 8.15 -23.01 37.93
CA LYS A 25 6.77 -22.97 38.37
C LYS A 25 6.49 -21.75 39.27
N SER A 26 5.49 -20.96 38.92
CA SER A 26 5.09 -19.79 39.69
C SER A 26 6.00 -18.58 39.52
N SER A 27 7.30 -18.79 39.67
CA SER A 27 8.26 -17.70 39.57
C SER A 27 9.64 -18.24 39.26
N SER A 28 10.58 -17.34 38.96
CA SER A 28 11.95 -17.73 38.65
C SER A 28 12.74 -18.15 39.89
N LYS A 29 12.08 -18.21 41.04
CA LYS A 29 12.74 -18.62 42.27
C LYS A 29 12.58 -20.12 42.51
N SER A 30 11.88 -20.79 41.59
CA SER A 30 11.66 -22.22 41.66
C SER A 30 11.87 -22.83 40.28
N CYS A 31 13.13 -23.01 39.90
CA CYS A 31 13.47 -23.51 38.57
C CYS A 31 14.12 -24.87 38.58
N ALA A 32 14.00 -25.57 37.46
CA ALA A 32 14.61 -26.87 37.25
C ALA A 32 15.13 -26.91 35.82
N THR A 33 16.21 -27.66 35.61
CA THR A 33 16.81 -27.76 34.30
C THR A 33 17.52 -29.11 34.16
N ASN A 34 17.81 -29.48 32.92
CA ASN A 34 18.53 -30.72 32.64
C ASN A 34 20.04 -30.51 32.70
N ASP A 35 20.47 -29.26 32.56
CA ASP A 35 21.90 -28.94 32.50
C ASP A 35 22.19 -27.60 33.16
N LEU A 36 22.72 -27.66 34.39
CA LEU A 36 23.03 -26.46 35.16
C LEU A 36 24.04 -25.55 34.47
N ALA A 37 25.07 -26.15 33.88
CA ALA A 37 26.11 -25.38 33.21
C ALA A 37 25.54 -24.59 32.03
N ARG A 38 24.86 -25.29 31.13
CA ARG A 38 24.33 -24.65 29.93
C ARG A 38 23.19 -23.66 30.22
N ALA A 39 22.48 -23.88 31.32
CA ALA A 39 21.34 -23.03 31.68
C ALA A 39 21.71 -21.55 31.73
N SER A 40 22.93 -21.24 32.16
CA SER A 40 23.37 -19.84 32.26
C SER A 40 24.34 -19.45 31.15
N LYS A 41 24.60 -20.36 30.21
CA LYS A 41 25.46 -20.05 29.07
C LYS A 41 24.70 -19.15 28.09
N GLU A 42 25.38 -18.14 27.56
CA GLU A 42 24.72 -17.16 26.70
C GLU A 42 24.91 -17.42 25.21
N TYR A 43 23.81 -17.27 24.46
CA TYR A 43 23.79 -17.49 23.01
C TYR A 43 23.07 -16.35 22.30
N LEU A 44 23.30 -16.25 20.99
CA LEU A 44 22.58 -15.29 20.17
C LEU A 44 21.09 -15.49 20.40
N PRO A 45 20.34 -14.44 20.66
CA PRO A 45 18.89 -14.58 20.86
C PRO A 45 18.14 -14.93 19.58
N ALA A 46 18.70 -14.56 18.42
CA ALA A 46 18.04 -14.76 17.15
C ALA A 46 16.65 -14.17 17.31
N SER A 47 15.63 -14.58 16.59
CA SER A 47 14.21 -14.34 16.63
C SER A 47 13.52 -14.11 17.97
N THR A 48 14.11 -14.61 19.06
CA THR A 48 13.50 -14.32 20.40
C THR A 48 13.66 -12.83 20.73
N PHE A 49 14.69 -12.20 20.20
CA PHE A 49 14.83 -10.74 20.30
C PHE A 49 13.63 -9.92 19.80
N ILE A 51 10.79 -10.06 20.85
CA ILE A 51 10.00 -9.69 22.03
C ILE A 51 10.45 -8.32 22.58
N PRO A 52 11.71 -8.19 23.04
CA PRO A 52 12.15 -6.88 23.51
C PRO A 52 12.11 -5.82 22.40
N ASN A 53 12.44 -6.19 21.17
CA ASN A 53 12.43 -5.23 20.06
C ASN A 53 11.04 -4.63 19.89
N ALA A 54 10.01 -5.45 19.98
CA ALA A 54 8.64 -4.98 19.86
C ALA A 54 8.28 -4.02 21.00
N ILE A 55 8.66 -4.38 22.21
CA ILE A 55 8.34 -3.54 23.36
C ILE A 55 9.01 -2.17 23.21
N ILE A 56 10.26 -2.19 22.79
CA ILE A 56 11.02 -0.97 22.60
C ILE A 56 10.44 -0.14 21.46
N GLY A 57 10.05 -0.80 20.38
CA GLY A 57 9.43 -0.11 19.26
C GLY A 57 8.19 0.65 19.71
N LEU A 58 7.38 0.01 20.54
CA LEU A 58 6.19 0.65 21.09
C LEU A 58 6.55 1.77 22.05
N GLU A 59 7.53 1.53 22.92
CA GLU A 59 7.91 2.51 23.93
C GLU A 59 8.43 3.82 23.32
N THR A 60 9.21 3.70 22.25
CA THR A 60 9.83 4.86 21.60
C THR A 60 8.90 5.53 20.59
N GLY A 61 7.76 4.92 20.33
CA GLY A 61 6.79 5.45 19.39
C GLY A 61 7.09 5.10 17.95
N VAL A 62 8.13 4.29 17.72
CA VAL A 62 8.47 3.83 16.37
C VAL A 62 7.29 3.01 15.86
N ILE A 63 6.72 2.19 16.74
CA ILE A 63 5.49 1.47 16.46
C ILE A 63 4.37 2.29 17.11
N LYS A 64 3.39 2.71 16.31
CA LYS A 64 2.32 3.60 16.79
C LYS A 64 1.45 3.03 17.89
N ASN A 65 0.93 1.83 17.66
CA ASN A 65 0.07 1.12 18.61
C ASN A 65 -0.12 -0.31 18.12
N GLU A 66 -0.97 -1.09 18.78
CA GLU A 66 -1.13 -2.49 18.42
C GLU A 66 -1.77 -2.75 17.08
N HIS A 67 -2.37 -1.73 16.47
CA HIS A 67 -3.04 -1.91 15.20
C HIS A 67 -2.23 -1.42 14.02
N GLN A 68 -0.97 -1.08 14.26
CA GLN A 68 -0.12 -0.62 13.17
C GLN A 68 0.07 -1.74 12.15
N VAL A 69 -0.03 -1.40 10.87
CA VAL A 69 0.17 -2.36 9.81
C VAL A 69 1.53 -2.09 9.18
N PHE A 70 2.30 -3.14 8.97
CA PHE A 70 3.60 -3.02 8.34
C PHE A 70 3.38 -3.43 6.89
N LYS A 71 3.34 -2.43 6.03
CA LYS A 71 3.00 -2.65 4.62
C LYS A 71 4.17 -3.20 3.84
N TRP A 72 3.87 -4.14 2.95
CA TRP A 72 4.87 -4.69 2.05
C TRP A 72 5.01 -3.74 0.87
N ASP A 73 6.23 -3.48 0.45
CA ASP A 73 6.50 -2.56 -0.65
C ASP A 73 6.55 -3.28 -2.00
N GLY A 74 6.30 -4.58 -2.00
CA GLY A 74 6.29 -5.35 -3.22
C GLY A 74 7.67 -5.81 -3.66
N LYS A 75 8.68 -5.51 -2.86
CA LYS A 75 10.05 -5.90 -3.17
C LYS A 75 10.37 -7.24 -2.53
N PRO A 76 11.25 -8.02 -3.15
CA PRO A 76 11.55 -9.37 -2.67
C PRO A 76 12.06 -9.45 -1.23
N ARG A 77 11.53 -10.43 -0.51
CA ARG A 77 11.96 -10.74 0.84
C ARG A 77 12.48 -12.18 0.85
N ALA A 78 13.24 -12.53 1.87
CA ALA A 78 13.89 -13.85 1.93
C ALA A 78 12.90 -15.00 2.06
N MET A 79 11.75 -14.72 2.65
CA MET A 79 10.70 -15.72 2.81
C MET A 79 9.40 -15.23 2.17
N LYS A 80 8.77 -16.12 1.41
CA LYS A 80 7.51 -15.80 0.76
C LYS A 80 6.44 -15.41 1.78
N GLN A 81 6.52 -16.02 2.97
CA GLN A 81 5.58 -15.74 4.05
C GLN A 81 5.64 -14.29 4.52
N TRP A 82 6.72 -13.59 4.21
CA TRP A 82 6.90 -12.20 4.61
C TRP A 82 6.45 -11.22 3.53
N GLU A 83 6.13 -11.72 2.33
CA GLU A 83 5.76 -10.85 1.22
C GLU A 83 4.27 -10.50 1.24
N ARG A 84 3.90 -9.75 2.26
CA ARG A 84 2.52 -9.35 2.46
C ARG A 84 2.48 -8.35 3.60
N ASP A 85 1.39 -7.61 3.68
CA ASP A 85 1.18 -6.70 4.80
C ASP A 85 1.03 -7.54 6.06
N LEU A 86 1.57 -7.07 7.17
CA LEU A 86 1.53 -7.82 8.43
C LEU A 86 1.16 -6.89 9.58
N THR A 87 0.41 -7.41 10.55
CA THR A 87 0.17 -6.67 11.79
C THR A 87 1.38 -6.88 12.69
N LEU A 88 1.39 -6.23 13.85
CA LEU A 88 2.50 -6.41 14.78
C LEU A 88 2.55 -7.89 15.20
N ARG A 89 1.38 -8.45 15.53
CA ARG A 89 1.32 -9.85 15.94
C ARG A 89 1.78 -10.77 14.81
N GLY A 90 1.32 -10.50 13.59
CA GLY A 90 1.73 -11.30 12.45
C GLY A 90 3.22 -11.28 12.22
N ALA A 91 3.81 -10.09 12.29
CA ALA A 91 5.24 -9.93 12.07
C ALA A 91 6.04 -10.71 13.11
N ILE A 92 5.57 -10.70 14.36
CA ILE A 92 6.26 -11.49 15.37
C ILE A 92 6.07 -12.98 15.12
N GLN A 93 4.84 -13.41 14.89
CA GLN A 93 4.51 -14.83 14.73
C GLN A 93 5.18 -15.49 13.52
N VAL A 94 5.34 -14.75 12.42
CA VAL A 94 6.02 -15.29 11.25
C VAL A 94 7.52 -14.95 11.23
N SER A 95 7.99 -14.29 12.30
CA SER A 95 9.40 -13.89 12.46
C SER A 95 9.88 -13.08 11.26
N ALA A 96 9.14 -12.03 10.92
CA ALA A 96 9.45 -11.19 9.77
C ALA A 96 10.67 -10.30 10.04
N VAL A 97 11.84 -10.86 9.83
CA VAL A 97 13.11 -10.20 10.08
C VAL A 97 13.19 -8.75 9.52
N PRO A 98 12.93 -8.52 8.23
CA PRO A 98 13.05 -7.16 7.68
C PRO A 98 12.20 -6.11 8.40
N VAL A 99 11.02 -6.48 8.88
CA VAL A 99 10.17 -5.53 9.60
C VAL A 99 10.88 -5.08 10.88
N PHE A 100 11.46 -6.03 11.61
CA PHE A 100 12.11 -5.69 12.86
C PHE A 100 13.48 -5.05 12.68
N GLN A 101 14.14 -5.31 11.55
CA GLN A 101 15.39 -4.63 11.25
C GLN A 101 15.12 -3.14 11.06
N GLN A 102 14.02 -2.80 10.38
CA GLN A 102 13.66 -1.40 10.19
C GLN A 102 13.26 -0.76 11.53
N ILE A 103 12.56 -1.52 12.38
CA ILE A 103 12.20 -1.01 13.69
C ILE A 103 13.48 -0.65 14.45
N ALA A 104 14.46 -1.55 14.42
CA ALA A 104 15.72 -1.34 15.14
C ALA A 104 16.44 -0.09 14.65
N ARG A 105 16.46 0.10 13.34
CA ARG A 105 17.09 1.29 12.76
C ARG A 105 16.46 2.56 13.27
N GLU A 106 15.14 2.57 13.35
CA GLU A 106 14.40 3.75 13.81
C GLU A 106 14.58 3.99 15.30
N VAL A 107 14.68 2.90 16.07
CA VAL A 107 14.94 3.00 17.49
C VAL A 107 16.32 3.63 17.71
N GLY A 108 17.32 3.12 17.01
CA GLY A 108 18.68 3.64 17.09
C GLY A 108 19.50 3.05 18.23
N GLU A 109 20.81 3.09 18.05
CA GLU A 109 21.75 2.51 19.00
C GLU A 109 21.61 3.06 20.42
N VAL A 110 21.50 4.37 20.56
CA VAL A 110 21.41 4.97 21.90
C VAL A 110 20.20 4.47 22.69
N ARG A 111 19.03 4.51 22.05
CA ARG A 111 17.81 4.06 22.72
C ARG A 111 17.81 2.55 22.93
N MET A 112 18.33 1.80 21.97
CA MET A 112 18.37 0.34 22.09
C MET A 112 19.21 -0.04 23.31
N GLN A 113 20.39 0.57 23.44
CA GLN A 113 21.28 0.28 24.55
C GLN A 113 20.61 0.57 25.88
N LYS A 114 19.93 1.71 25.96
CA LYS A 114 19.25 2.11 27.18
C LYS A 114 18.20 1.09 27.61
N TYR A 115 17.40 0.64 26.65
CA TYR A 115 16.33 -0.29 26.96
C TYR A 115 16.84 -1.67 27.34
N LEU A 116 17.90 -2.14 26.70
CA LEU A 116 18.47 -3.44 27.04
C LEU A 116 19.08 -3.40 28.43
N LYS A 117 19.57 -2.23 28.85
CA LYS A 117 20.09 -2.05 30.20
C LYS A 117 18.91 -2.14 31.18
N LYS A 118 17.83 -1.42 30.90
CA LYS A 118 16.65 -1.46 31.76
C LYS A 118 16.08 -2.87 31.87
N PHE A 119 16.13 -3.61 30.75
CA PHE A 119 15.59 -4.97 30.72
C PHE A 119 16.55 -6.05 31.25
N SER A 120 17.78 -5.68 31.59
CA SER A 120 18.79 -6.65 32.02
C SER A 120 18.89 -7.77 30.98
N TYR A 121 19.01 -7.38 29.72
CA TYR A 121 18.99 -8.34 28.61
C TYR A 121 20.35 -8.90 28.20
N GLY A 122 20.70 -10.05 28.75
CA GLY A 122 21.94 -10.73 28.42
C GLY A 122 23.16 -9.89 28.63
N ASN A 123 24.13 -10.00 27.72
CA ASN A 123 25.36 -9.23 27.83
C ASN A 123 25.23 -7.78 27.37
N GLN A 124 24.03 -7.40 26.94
CA GLN A 124 23.73 -6.04 26.53
C GLN A 124 24.70 -5.47 25.48
N ASN A 125 25.33 -6.36 24.72
CA ASN A 125 26.26 -5.95 23.68
C ASN A 125 25.55 -5.89 22.33
N ILE A 126 25.33 -4.67 21.83
CA ILE A 126 24.63 -4.50 20.56
C ILE A 126 25.58 -4.14 19.41
N SER A 127 26.86 -4.49 19.55
CA SER A 127 27.82 -4.24 18.49
C SER A 127 27.57 -5.24 17.36
N GLY A 128 27.93 -4.85 16.15
CA GLY A 128 27.77 -5.71 14.99
C GLY A 128 26.83 -5.13 13.95
N GLY A 129 26.27 -3.96 14.22
CA GLY A 129 25.34 -3.30 13.32
C GLY A 129 23.96 -3.23 13.95
N ILE A 130 23.31 -2.07 13.87
CA ILE A 130 22.03 -1.87 14.53
C ILE A 130 20.93 -2.82 14.03
N ASP A 131 21.10 -3.35 12.83
CA ASP A 131 20.09 -4.24 12.27
C ASP A 131 20.54 -5.70 12.20
N LYS A 132 21.60 -6.06 12.93
CA LYS A 132 22.05 -7.44 12.93
C LYS A 132 22.68 -7.93 14.24
N PHE A 133 22.70 -7.10 15.28
CA PHE A 133 23.37 -7.49 16.51
C PHE A 133 22.79 -8.75 17.16
N TRP A 134 21.49 -8.96 17.02
CA TRP A 134 20.84 -10.12 17.64
C TRP A 134 20.85 -11.38 16.76
N LEU A 135 21.28 -11.22 15.51
CA LEU A 135 21.30 -12.29 14.51
C LEU A 135 22.71 -12.82 14.22
N GLU A 136 23.65 -11.89 14.06
CA GLU A 136 25.02 -12.23 13.68
C GLU A 136 26.04 -11.50 14.54
N GLY A 137 25.57 -10.63 15.44
CA GLY A 137 26.44 -9.80 16.25
C GLY A 137 26.90 -10.38 17.56
N GLN A 138 27.15 -9.49 18.52
CA GLN A 138 27.73 -9.89 19.81
C GLN A 138 26.73 -10.05 20.95
N LEU A 139 25.44 -9.87 20.66
CA LEU A 139 24.43 -9.99 21.71
C LEU A 139 24.29 -11.46 22.09
N ARG A 140 24.26 -11.72 23.40
CA ARG A 140 24.17 -13.09 23.93
C ARG A 140 23.25 -13.05 25.14
N ILE A 141 22.40 -14.08 25.29
CA ILE A 141 21.51 -14.21 26.44
C ILE A 141 21.36 -15.69 26.79
N SER A 142 21.21 -16.00 28.08
CA SER A 142 21.06 -17.38 28.50
C SER A 142 19.60 -17.77 28.67
N ALA A 143 19.36 -19.06 28.80
CA ALA A 143 18.02 -19.57 29.06
C ALA A 143 17.47 -19.03 30.37
N VAL A 144 18.30 -18.99 31.41
CA VAL A 144 17.88 -18.44 32.69
C VAL A 144 17.45 -16.98 32.55
N ASN A 145 18.24 -16.20 31.82
CA ASN A 145 17.94 -14.79 31.60
C ASN A 145 16.62 -14.63 30.83
N GLN A 146 16.38 -15.50 29.85
CA GLN A 146 15.12 -15.42 29.11
C GLN A 146 13.93 -15.61 30.05
N VAL A 147 14.03 -16.57 30.96
CA VAL A 147 12.95 -16.82 31.89
C VAL A 147 12.73 -15.62 32.80
N GLU A 148 13.80 -15.00 33.28
CA GLU A 148 13.70 -13.82 34.14
C GLU A 148 13.02 -12.68 33.39
N PHE A 149 13.43 -12.49 32.14
CA PHE A 149 12.88 -11.45 31.30
C PHE A 149 11.38 -11.68 31.05
N LEU A 150 11.03 -12.91 30.70
CA LEU A 150 9.63 -13.26 30.42
C LEU A 150 8.76 -13.15 31.66
N GLU A 151 9.30 -13.49 32.82
CA GLU A 151 8.56 -13.34 34.06
C GLU A 151 8.22 -11.87 34.30
N SER A 152 9.21 -11.01 34.11
CA SER A 152 9.00 -9.57 34.26
C SER A 152 7.89 -9.11 33.31
N LEU A 153 7.92 -9.61 32.08
CA LEU A 153 6.90 -9.23 31.11
C LEU A 153 5.52 -9.70 31.56
N TYR A 154 5.44 -10.95 32.00
CA TYR A 154 4.19 -11.52 32.49
C TYR A 154 3.60 -10.65 33.61
N LEU A 155 4.46 -10.19 34.51
CA LEU A 155 4.07 -9.37 35.65
C LEU A 155 3.96 -7.87 35.36
N ASN A 156 4.20 -7.47 34.10
CA ASN A 156 4.18 -6.05 33.73
C ASN A 156 5.22 -5.24 34.48
N LYS A 157 6.33 -5.89 34.83
CA LYS A 157 7.38 -5.24 35.61
C LYS A 157 8.55 -4.68 34.79
N LEU A 158 8.51 -4.84 33.48
CA LEU A 158 9.57 -4.25 32.66
C LEU A 158 9.45 -2.74 32.71
N SER A 159 10.55 -2.06 32.44
CA SER A 159 10.55 -0.60 32.42
C SER A 159 9.92 -0.13 31.11
N ALA A 160 8.62 -0.34 31.00
CA ALA A 160 7.83 0.06 29.84
C ALA A 160 6.39 0.18 30.32
N SER A 161 5.54 0.87 29.56
CA SER A 161 4.16 1.03 29.98
C SER A 161 3.47 -0.32 30.09
N LYS A 162 2.50 -0.43 30.99
CA LYS A 162 1.73 -1.67 31.12
C LYS A 162 1.00 -1.93 29.81
N GLU A 163 0.49 -0.86 29.19
CA GLU A 163 -0.20 -0.96 27.90
C GLU A 163 0.67 -1.68 26.87
N ASN A 164 1.90 -1.23 26.74
CA ASN A 164 2.79 -1.82 25.75
C ASN A 164 3.18 -3.26 26.07
N GLN A 165 3.32 -3.58 27.36
CA GLN A 165 3.62 -4.95 27.72
C GLN A 165 2.43 -5.87 27.39
N LEU A 166 1.22 -5.36 27.62
CA LEU A 166 0.01 -6.12 27.34
C LEU A 166 -0.15 -6.37 25.84
N ILE A 167 0.18 -5.35 25.04
CA ILE A 167 0.09 -5.49 23.59
C ILE A 167 1.00 -6.60 23.08
N VAL A 168 2.24 -6.62 23.56
CA VAL A 168 3.18 -7.63 23.13
C VAL A 168 2.77 -9.00 23.67
N LYS A 169 2.21 -9.03 24.87
CA LYS A 169 1.74 -10.30 25.42
C LYS A 169 0.68 -10.94 24.53
N GLU A 170 -0.32 -10.19 24.09
CA GLU A 170 -1.34 -10.80 23.24
C GLU A 170 -0.72 -11.23 21.91
N ALA A 171 0.27 -10.48 21.43
CA ALA A 171 0.93 -10.82 20.18
C ALA A 171 1.66 -12.18 20.27
N LEU A 172 2.02 -12.59 21.48
CA LEU A 172 2.74 -13.84 21.69
C LEU A 172 1.87 -15.07 21.97
N VAL A 173 0.55 -14.91 22.04
CA VAL A 173 -0.33 -16.05 22.25
C VAL A 173 -0.22 -17.05 21.10
N THR A 174 0.04 -18.32 21.42
CA THR A 174 0.16 -19.36 20.38
C THR A 174 -0.77 -20.56 20.60
N GLU A 175 -1.31 -20.70 21.79
CA GLU A 175 -2.24 -21.78 22.08
C GLU A 175 -3.27 -21.24 23.06
N ALA A 176 -4.55 -21.49 22.79
CA ALA A 176 -5.62 -20.94 23.60
C ALA A 176 -6.74 -21.93 23.88
N ALA A 177 -7.11 -22.02 25.14
CA ALA A 177 -8.24 -22.81 25.60
C ALA A 177 -8.77 -22.09 26.84
N PRO A 178 -9.99 -22.39 27.26
CA PRO A 178 -10.58 -21.71 28.42
C PRO A 178 -9.69 -21.70 29.65
N GLU A 179 -9.02 -22.81 29.96
CA GLU A 179 -8.14 -22.86 31.13
C GLU A 179 -6.70 -23.22 30.79
N TYR A 180 -6.28 -22.93 29.57
CA TYR A 180 -4.92 -23.21 29.13
C TYR A 180 -4.50 -22.17 28.11
N LEU A 181 -3.44 -21.43 28.40
CA LEU A 181 -2.98 -20.38 27.53
C LEU A 181 -1.46 -20.42 27.41
N VAL A 182 -0.96 -20.40 26.19
CA VAL A 182 0.47 -20.41 25.97
C VAL A 182 0.93 -19.16 25.22
N HIS A 183 1.98 -18.52 25.73
CA HIS A 183 2.63 -17.40 25.05
C HIS A 183 4.02 -17.90 24.72
N SER A 184 4.44 -17.76 23.47
CA SER A 184 5.75 -18.30 23.11
C SER A 184 6.35 -17.67 21.86
N LYS A 185 7.65 -17.92 21.69
CA LYS A 185 8.42 -17.42 20.55
C LYS A 185 9.61 -18.32 20.25
N THR A 186 9.83 -18.59 18.97
CA THR A 186 10.97 -19.41 18.54
C THR A 186 12.12 -18.54 18.04
N GLY A 187 13.28 -19.18 17.89
CA GLY A 187 14.46 -18.52 17.34
C GLY A 187 15.32 -19.56 16.64
N PHE A 188 16.07 -19.13 15.63
CA PHE A 188 16.93 -20.03 14.86
C PHE A 188 18.04 -19.19 14.21
N SER A 189 19.26 -19.25 14.75
CA SER A 189 20.35 -18.41 14.25
C SER A 189 20.90 -18.86 12.90
N GLY A 190 20.74 -20.14 12.60
CA GLY A 190 21.25 -20.72 11.37
C GLY A 190 21.92 -22.03 11.73
N VAL A 191 22.53 -22.68 10.74
CA VAL A 191 23.17 -23.97 10.95
C VAL A 191 24.64 -23.83 11.29
N GLY A 192 25.17 -22.61 11.17
CA GLY A 192 26.57 -22.35 11.43
C GLY A 192 27.42 -23.39 10.70
N THR A 193 28.41 -23.92 11.40
CA THR A 193 29.24 -24.98 10.84
C THR A 193 29.14 -26.18 11.75
N GLU A 194 29.79 -27.28 11.39
CA GLU A 194 29.80 -28.46 12.23
C GLU A 194 30.57 -28.15 13.50
N SER A 195 31.62 -27.35 13.36
CA SER A 195 32.49 -26.96 14.47
C SER A 195 31.89 -25.84 15.30
N ASN A 196 31.25 -24.89 14.62
CA ASN A 196 30.59 -23.76 15.28
C ASN A 196 29.11 -23.74 14.87
N PRO A 197 28.30 -24.58 15.49
CA PRO A 197 26.89 -24.71 15.12
C PRO A 197 26.04 -23.55 15.58
N GLY A 198 24.89 -23.40 14.93
CA GLY A 198 23.96 -22.35 15.28
C GLY A 198 23.19 -22.72 16.52
N VAL A 199 22.22 -21.89 16.88
CA VAL A 199 21.40 -22.14 18.05
C VAL A 199 19.93 -22.01 17.68
N ALA A 200 19.10 -22.83 18.29
CA ALA A 200 17.65 -22.77 18.10
C ALA A 200 17.03 -22.55 19.47
N TRP A 201 15.96 -21.78 19.53
CA TRP A 201 15.28 -21.46 20.77
C TRP A 201 13.78 -21.69 20.73
N TRP A 202 13.21 -21.95 21.92
CA TRP A 202 11.78 -21.83 22.13
C TRP A 202 11.63 -21.31 23.54
N VAL A 203 11.01 -20.15 23.71
CA VAL A 203 10.83 -19.54 25.03
C VAL A 203 9.40 -19.07 25.22
N GLY A 204 8.94 -18.97 26.46
CA GLY A 204 7.58 -18.49 26.68
C GLY A 204 7.07 -18.86 28.05
N TRP A 205 5.75 -18.88 28.19
CA TRP A 205 5.16 -19.31 29.46
C TRP A 205 3.81 -19.98 29.21
N VAL A 206 3.42 -20.84 30.15
CA VAL A 206 2.16 -21.55 30.09
C VAL A 206 1.31 -21.20 31.30
N GLU A 207 0.07 -20.80 31.05
CA GLU A 207 -0.90 -20.60 32.12
C GLU A 207 -1.86 -21.77 32.07
N LYS A 208 -1.86 -22.59 33.12
CA LYS A 208 -2.75 -23.74 33.19
C LYS A 208 -3.56 -23.60 34.47
N GLU A 209 -4.88 -23.48 34.33
CA GLU A 209 -5.74 -23.24 35.47
C GLU A 209 -5.21 -21.99 36.19
N THR A 210 -4.88 -22.06 37.48
CA THR A 210 -4.38 -20.85 38.15
C THR A 210 -2.88 -20.86 38.38
N GLU A 211 -2.17 -21.74 37.68
CA GLU A 211 -0.72 -21.81 37.80
C GLU A 211 -0.07 -21.23 36.55
N VAL A 212 1.18 -20.78 36.69
CA VAL A 212 1.96 -20.28 35.56
C VAL A 212 3.32 -20.96 35.56
N TYR A 213 3.79 -21.31 34.36
CA TYR A 213 5.08 -21.94 34.19
C TYR A 213 5.86 -21.16 33.14
N PHE A 214 7.07 -20.75 33.50
CA PHE A 214 7.95 -20.03 32.59
C PHE A 214 8.97 -21.01 32.03
N PHE A 215 9.29 -20.89 30.74
CA PHE A 215 10.22 -21.84 30.15
C PHE A 215 11.13 -21.23 29.10
N ALA A 216 12.29 -21.83 28.94
CA ALA A 216 13.25 -21.41 27.92
C ALA A 216 14.04 -22.62 27.50
N PHE A 217 14.13 -22.81 26.19
CA PHE A 217 14.85 -23.92 25.60
C PHE A 217 15.79 -23.44 24.51
N ASN A 218 16.99 -23.98 24.49
CA ASN A 218 17.90 -23.76 23.38
C ASN A 218 18.70 -25.03 23.12
N MET A 219 19.17 -25.17 21.89
CA MET A 219 19.96 -26.33 21.50
C MET A 219 20.89 -25.96 20.36
N ASP A 220 22.00 -26.70 20.26
CA ASP A 220 22.92 -26.54 19.16
C ASP A 220 22.28 -27.19 17.95
N ILE A 221 22.41 -26.56 16.79
CA ILE A 221 21.85 -27.10 15.56
C ILE A 221 22.77 -26.85 14.38
N ASP A 222 23.08 -27.93 13.64
CA ASP A 222 23.89 -27.82 12.42
C ASP A 222 23.17 -28.42 11.21
N ASN A 223 21.93 -28.85 11.42
CA ASN A 223 21.10 -29.41 10.35
C ASN A 223 19.66 -28.93 10.51
N GLU A 224 19.18 -28.19 9.51
CA GLU A 224 17.86 -27.58 9.57
C GLU A 224 16.73 -28.58 9.80
N SER A 225 16.94 -29.84 9.44
CA SER A 225 15.91 -30.86 9.60
C SER A 225 15.56 -31.15 11.06
N LYS A 226 16.47 -30.76 11.97
CA LYS A 226 16.28 -31.02 13.40
C LYS A 226 15.53 -29.90 14.11
N LEU A 227 15.20 -28.85 13.37
CA LEU A 227 14.56 -27.66 13.95
C LEU A 227 13.31 -27.91 14.83
N PRO A 228 12.39 -28.76 14.42
CA PRO A 228 11.18 -29.02 15.22
C PRO A 228 11.46 -29.51 16.64
N LEU A 229 12.67 -30.01 16.89
CA LEU A 229 13.01 -30.49 18.22
C LEU A 229 12.98 -29.35 19.23
N ARG A 230 13.13 -28.11 18.77
CA ARG A 230 13.10 -26.97 19.68
C ARG A 230 11.74 -26.81 20.36
N LYS A 231 10.71 -27.42 19.78
CA LYS A 231 9.39 -27.41 20.39
C LYS A 231 9.04 -28.79 20.97
N SER A 232 9.40 -29.85 20.26
CA SER A 232 9.03 -31.20 20.67
C SER A 232 9.72 -31.67 21.95
N ILE A 233 10.99 -31.34 22.12
CA ILE A 233 11.69 -31.75 23.35
C ILE A 233 11.09 -31.08 24.59
N PRO A 234 10.95 -29.77 24.59
CA PRO A 234 10.33 -29.06 25.73
C PRO A 234 8.87 -29.49 25.96
N THR A 235 8.14 -29.70 24.89
CA THR A 235 6.75 -30.13 25.01
C THR A 235 6.68 -31.48 25.71
N LYS A 236 7.51 -32.42 25.29
CA LYS A 236 7.52 -33.74 25.90
C LYS A 236 7.86 -33.64 27.39
N ILE A 237 8.82 -32.80 27.74
CA ILE A 237 9.18 -32.62 29.15
C ILE A 237 8.02 -32.02 29.93
N MET A 238 7.41 -30.98 29.37
CA MET A 238 6.31 -30.31 30.04
C MET A 238 5.13 -31.26 30.17
N GLU A 239 4.83 -32.01 29.12
CA GLU A 239 3.74 -32.97 29.15
C GLU A 239 4.02 -34.05 30.22
N SER A 240 5.28 -34.46 30.34
CA SER A 240 5.67 -35.45 31.35
C SER A 240 5.50 -34.89 32.77
N GLU A 241 5.51 -33.57 32.89
CA GLU A 241 5.30 -32.90 34.18
C GLU A 241 3.82 -32.59 34.42
N GLY A 242 2.96 -33.00 33.48
CA GLY A 242 1.53 -32.76 33.62
C GLY A 242 1.08 -31.41 33.08
N ILE A 243 1.99 -30.68 32.47
CA ILE A 243 1.67 -29.39 31.88
C ILE A 243 1.16 -29.62 30.46
N ILE A 244 -0.15 -29.74 30.33
CA ILE A 244 -0.77 -30.00 29.04
C ILE A 244 -2.20 -29.48 29.08
N GLY A 245 -2.78 -29.23 27.90
CA GLY A 245 -4.14 -28.73 27.82
C GLY A 245 -5.16 -29.87 27.84
N SER B 1 -23.53 9.13 -33.15
CA SER B 1 -24.54 9.36 -32.08
C SER B 1 -24.00 10.38 -31.11
N ILE B 2 -24.85 11.36 -30.84
CA ILE B 2 -24.52 12.40 -29.91
C ILE B 2 -25.82 12.70 -29.21
N THR B 3 -25.75 12.83 -27.90
CA THR B 3 -26.93 13.12 -27.12
C THR B 3 -26.74 14.45 -26.44
N GLU B 4 -27.85 15.01 -25.98
CA GLU B 4 -27.83 16.29 -25.28
C GLU B 4 -28.02 16.11 -23.79
N ASN B 5 -27.11 16.69 -23.02
CA ASN B 5 -27.18 16.67 -21.57
C ASN B 5 -27.37 18.11 -21.11
N THR B 6 -28.61 18.52 -20.89
CA THR B 6 -28.89 19.91 -20.53
C THR B 6 -28.47 20.30 -19.12
N SER B 7 -28.20 19.31 -18.27
CA SER B 7 -27.75 19.59 -16.91
C SER B 7 -26.39 20.31 -16.90
N TRP B 8 -25.63 20.13 -17.97
CA TRP B 8 -24.31 20.74 -18.09
C TRP B 8 -24.40 22.26 -18.25
N ASN B 9 -25.57 22.75 -18.66
CA ASN B 9 -25.76 24.18 -18.88
C ASN B 9 -25.58 25.01 -17.62
N LYS B 10 -25.80 24.38 -16.46
CA LYS B 10 -25.64 25.08 -15.20
C LYS B 10 -24.21 25.62 -15.01
N GLU B 11 -23.21 24.97 -15.59
CA GLU B 11 -21.83 25.40 -15.43
C GLU B 11 -21.54 26.68 -16.21
N PHE B 12 -22.41 27.04 -17.15
CA PHE B 12 -22.24 28.25 -17.95
C PHE B 12 -22.97 29.45 -17.35
N SER B 13 -23.85 29.23 -16.38
CA SER B 13 -24.74 30.28 -15.90
C SER B 13 -24.09 31.41 -15.10
N ALA B 14 -23.24 31.08 -14.13
CA ALA B 14 -22.65 32.09 -13.26
C ALA B 14 -21.98 33.22 -14.02
N GLU B 15 -21.27 32.87 -15.09
CA GLU B 15 -20.54 33.86 -15.87
C GLU B 15 -21.23 34.19 -17.20
N ALA B 16 -22.47 33.74 -17.36
CA ALA B 16 -23.29 34.06 -18.53
C ALA B 16 -22.57 33.72 -19.82
N VAL B 17 -22.04 32.50 -19.88
CA VAL B 17 -21.30 32.08 -21.07
C VAL B 17 -22.17 31.38 -22.11
N ASN B 18 -22.03 31.84 -23.35
CA ASN B 18 -22.65 31.20 -24.51
C ASN B 18 -21.60 30.31 -25.16
N GLY B 19 -21.75 29.00 -25.00
CA GLY B 19 -20.79 28.07 -25.55
C GLY B 19 -21.26 26.64 -25.61
N VAL B 20 -20.34 25.76 -25.99
CA VAL B 20 -20.68 24.35 -26.14
C VAL B 20 -19.53 23.48 -25.68
N PHE B 21 -19.88 22.35 -25.07
CA PHE B 21 -18.91 21.34 -24.69
C PHE B 21 -19.33 20.02 -25.33
N VAL B 22 -18.38 19.36 -25.99
CA VAL B 22 -18.61 18.04 -26.60
C VAL B 22 -17.64 17.08 -25.91
N LEU B 23 -18.18 15.98 -25.39
CA LEU B 23 -17.39 15.01 -24.62
C LEU B 23 -17.73 13.60 -25.10
N CYS B 24 -16.71 12.84 -25.46
CA CYS B 24 -16.91 11.51 -26.02
C CYS B 24 -16.10 10.48 -25.26
N LYS B 25 -16.75 9.44 -24.75
CA LYS B 25 -16.04 8.36 -24.06
C LYS B 25 -15.70 7.23 -25.03
N SER B 26 -14.42 6.85 -25.08
CA SER B 26 -13.92 5.75 -25.92
C SER B 26 -13.79 6.08 -27.40
N SER B 27 -14.83 6.69 -27.97
CA SER B 27 -14.80 7.02 -29.39
C SER B 27 -15.85 8.08 -29.69
N SER B 28 -15.78 8.62 -30.91
CA SER B 28 -16.72 9.64 -31.35
C SER B 28 -18.10 9.08 -31.63
N LYS B 29 -18.28 7.77 -31.44
CA LYS B 29 -19.58 7.15 -31.67
C LYS B 29 -20.49 7.34 -30.47
N SER B 30 -19.93 7.77 -29.35
CA SER B 30 -20.71 8.01 -28.15
C SER B 30 -20.33 9.37 -27.58
N CYS B 31 -21.00 10.41 -28.05
CA CYS B 31 -20.72 11.76 -27.59
C CYS B 31 -21.92 12.35 -26.88
N ALA B 32 -21.64 13.28 -25.97
CA ALA B 32 -22.68 14.06 -25.30
C ALA B 32 -22.26 15.53 -25.38
N THR B 33 -23.25 16.42 -25.31
CA THR B 33 -23.02 17.85 -25.37
C THR B 33 -24.13 18.60 -24.66
N ASN B 34 -23.86 19.83 -24.23
CA ASN B 34 -24.90 20.64 -23.62
C ASN B 34 -25.80 21.30 -24.66
N ASP B 35 -25.31 21.43 -25.89
CA ASP B 35 -26.01 22.17 -26.96
C ASP B 35 -25.80 21.53 -28.34
N LEU B 36 -26.77 20.72 -28.78
CA LEU B 36 -26.66 20.03 -30.06
C LEU B 36 -26.52 20.95 -31.28
N ALA B 37 -27.16 22.11 -31.23
CA ALA B 37 -27.09 23.05 -32.34
C ALA B 37 -25.69 23.63 -32.46
N ARG B 38 -25.15 24.09 -31.34
CA ARG B 38 -23.84 24.72 -31.36
C ARG B 38 -22.71 23.70 -31.57
N ALA B 39 -22.95 22.44 -31.20
CA ALA B 39 -21.93 21.39 -31.34
C ALA B 39 -21.42 21.26 -32.77
N SER B 40 -22.28 21.53 -33.75
CA SER B 40 -21.90 21.41 -35.16
C SER B 40 -21.67 22.75 -35.83
N LYS B 41 -21.85 23.85 -35.09
CA LYS B 41 -21.61 25.18 -35.63
C LYS B 41 -20.10 25.37 -35.79
N GLU B 42 -19.69 25.94 -36.92
CA GLU B 42 -18.27 26.07 -37.25
C GLU B 42 -17.71 27.46 -36.94
N TYR B 43 -16.56 27.48 -36.28
CA TYR B 43 -15.88 28.71 -35.88
C TYR B 43 -14.42 28.72 -36.31
N LEU B 44 -13.82 29.91 -36.33
CA LEU B 44 -12.39 30.04 -36.59
C LEU B 44 -11.66 29.12 -35.60
N PRO B 45 -10.74 28.29 -36.06
CA PRO B 45 -9.97 27.43 -35.16
C PRO B 45 -9.00 28.19 -34.26
N ALA B 46 -8.57 29.38 -34.70
CA ALA B 46 -7.56 30.14 -33.97
C ALA B 46 -6.41 29.18 -33.70
N SER B 47 -5.63 29.34 -32.67
CA SER B 47 -4.58 28.55 -32.08
C SER B 47 -4.71 27.03 -32.07
N THR B 48 -5.95 26.52 -32.07
CA THR B 48 -6.10 25.02 -32.17
C THR B 48 -5.59 24.53 -33.54
N PHE B 49 -5.59 25.39 -34.55
CA PHE B 49 -4.95 25.06 -35.83
C PHE B 49 -3.46 24.67 -35.75
N ILE B 51 -2.30 22.37 -34.18
CA ILE B 51 -2.21 20.92 -34.24
C ILE B 51 -2.05 20.40 -35.68
N PRO B 52 -3.02 20.62 -36.58
CA PRO B 52 -2.82 20.18 -37.98
C PRO B 52 -1.61 20.86 -38.64
N ASN B 53 -1.38 22.13 -38.35
CA ASN B 53 -0.26 22.85 -38.96
C ASN B 53 1.08 22.18 -38.61
N ALA B 54 1.23 21.78 -37.35
CA ALA B 54 2.44 21.11 -36.91
C ALA B 54 2.62 19.77 -37.63
N ILE B 55 1.54 19.01 -37.73
CA ILE B 55 1.61 17.71 -38.41
C ILE B 55 1.98 17.92 -39.89
N ILE B 56 1.36 18.91 -40.51
CA ILE B 56 1.63 19.20 -41.92
C ILE B 56 3.06 19.67 -42.11
N GLY B 57 3.55 20.48 -41.17
CA GLY B 57 4.93 20.96 -41.22
C GLY B 57 5.90 19.80 -41.23
N LEU B 58 5.64 18.82 -40.37
CA LEU B 58 6.48 17.63 -40.30
C LEU B 58 6.36 16.77 -41.55
N GLU B 59 5.13 16.57 -42.03
CA GLU B 59 4.89 15.71 -43.19
C GLU B 59 5.59 16.21 -44.44
N THR B 60 5.55 17.52 -44.64
CA THR B 60 6.14 18.16 -45.82
C THR B 60 7.64 18.38 -45.68
N GLY B 61 8.18 18.16 -44.47
CA GLY B 61 9.60 18.38 -44.24
C GLY B 61 9.98 19.81 -43.92
N VAL B 62 8.98 20.70 -43.81
CA VAL B 62 9.24 22.09 -43.42
C VAL B 62 9.85 22.09 -42.02
N ILE B 63 9.34 21.21 -41.18
CA ILE B 63 9.88 20.98 -39.84
C ILE B 63 10.70 19.69 -39.94
N LYS B 64 11.98 19.75 -39.63
CA LYS B 64 12.88 18.60 -39.81
C LYS B 64 12.52 17.35 -39.00
N ASN B 65 12.32 17.54 -37.70
CA ASN B 65 11.98 16.45 -36.78
C ASN B 65 11.57 17.05 -35.44
N GLU B 66 11.34 16.20 -34.43
CA GLU B 66 10.86 16.67 -33.13
C GLU B 66 11.85 17.56 -32.40
N HIS B 67 13.11 17.58 -32.84
CA HIS B 67 14.12 18.35 -32.12
C HIS B 67 14.49 19.66 -32.81
N GLN B 68 13.75 20.03 -33.84
CA GLN B 68 14.04 21.27 -34.52
C GLN B 68 13.86 22.44 -33.57
N VAL B 69 14.78 23.38 -33.62
CA VAL B 69 14.68 24.57 -32.81
C VAL B 69 14.29 25.74 -33.72
N PHE B 70 13.28 26.49 -33.30
CA PHE B 70 12.85 27.67 -34.03
C PHE B 70 13.55 28.84 -33.40
N LYS B 71 14.59 29.32 -34.06
CA LYS B 71 15.44 30.37 -33.52
C LYS B 71 14.80 31.76 -33.56
N TRP B 72 15.02 32.53 -32.51
CA TRP B 72 14.56 33.91 -32.47
C TRP B 72 15.60 34.77 -33.17
N ASP B 73 15.15 35.70 -34.01
CA ASP B 73 16.05 36.58 -34.76
C ASP B 73 16.38 37.87 -33.98
N GLY B 74 15.87 37.97 -32.76
CA GLY B 74 16.14 39.12 -31.91
C GLY B 74 15.25 40.30 -32.23
N LYS B 75 14.34 40.12 -33.18
CA LYS B 75 13.40 41.15 -33.57
C LYS B 75 12.15 41.08 -32.71
N PRO B 76 11.49 42.21 -32.50
CA PRO B 76 10.32 42.26 -31.62
C PRO B 76 9.16 41.35 -32.04
N ARG B 77 8.54 40.71 -31.05
CA ARG B 77 7.35 39.92 -31.29
C ARG B 77 6.21 40.47 -30.44
N ALA B 78 4.98 40.08 -30.75
CA ALA B 78 3.79 40.60 -30.10
C ALA B 78 3.70 40.23 -28.62
N MET B 79 4.31 39.11 -28.26
CA MET B 79 4.32 38.68 -26.87
C MET B 79 5.76 38.45 -26.46
N LYS B 80 6.10 38.97 -25.28
CA LYS B 80 7.43 38.83 -24.72
C LYS B 80 7.77 37.35 -24.61
N GLN B 81 6.76 36.55 -24.29
CA GLN B 81 6.94 35.11 -24.13
C GLN B 81 7.45 34.42 -25.40
N TRP B 82 7.32 35.07 -26.56
CA TRP B 82 7.76 34.48 -27.83
C TRP B 82 9.17 34.93 -28.24
N GLU B 83 9.75 35.87 -27.50
CA GLU B 83 11.06 36.42 -27.83
C GLU B 83 12.19 35.56 -27.26
N ARG B 84 12.32 34.37 -27.83
CA ARG B 84 13.28 33.38 -27.39
C ARG B 84 13.24 32.21 -28.36
N ASP B 85 14.29 31.41 -28.40
CA ASP B 85 14.31 30.20 -29.20
C ASP B 85 13.25 29.26 -28.60
N LEU B 86 12.57 28.50 -29.46
CA LEU B 86 11.51 27.60 -28.99
C LEU B 86 11.63 26.24 -29.66
N THR B 87 11.29 25.18 -28.94
CA THR B 87 11.22 23.87 -29.58
C THR B 87 9.84 23.77 -30.24
N LEU B 88 9.56 22.67 -30.92
CA LEU B 88 8.24 22.49 -31.51
C LEU B 88 7.19 22.47 -30.41
N ARG B 89 7.45 21.72 -29.35
CA ARG B 89 6.53 21.66 -28.22
C ARG B 89 6.36 23.05 -27.61
N GLY B 90 7.44 23.77 -27.42
CA GLY B 90 7.36 25.08 -26.83
C GLY B 90 6.53 26.03 -27.66
N ALA B 91 6.76 26.03 -28.97
CA ALA B 91 6.03 26.92 -29.88
C ALA B 91 4.53 26.62 -29.86
N ILE B 92 4.16 25.35 -29.81
CA ILE B 92 2.75 24.99 -29.70
C ILE B 92 2.17 25.45 -28.35
N GLN B 93 2.85 25.09 -27.27
CA GLN B 93 2.35 25.35 -25.91
C GLN B 93 2.25 26.83 -25.56
N VAL B 94 3.15 27.66 -26.07
CA VAL B 94 3.04 29.10 -25.82
C VAL B 94 2.27 29.81 -26.94
N SER B 95 1.76 29.03 -27.90
CA SER B 95 1.00 29.54 -29.04
C SER B 95 1.75 30.62 -29.79
N ALA B 96 2.99 30.31 -30.18
CA ALA B 96 3.84 31.25 -30.90
C ALA B 96 3.42 31.44 -32.35
N VAL B 97 2.41 32.28 -32.54
CA VAL B 97 1.83 32.54 -33.85
C VAL B 97 2.86 32.77 -34.99
N PRO B 98 3.84 33.65 -34.82
CA PRO B 98 4.76 33.92 -35.94
C PRO B 98 5.53 32.69 -36.41
N VAL B 99 5.81 31.77 -35.50
CA VAL B 99 6.50 30.55 -35.85
C VAL B 99 5.63 29.74 -36.82
N PHE B 100 4.36 29.64 -36.51
CA PHE B 100 3.44 28.88 -37.35
C PHE B 100 3.01 29.60 -38.63
N GLN B 101 3.07 30.92 -38.62
CA GLN B 101 2.81 31.66 -39.85
C GLN B 101 3.90 31.38 -40.88
N GLN B 102 5.14 31.31 -40.40
CA GLN B 102 6.27 31.01 -41.28
C GLN B 102 6.17 29.57 -41.76
N ILE B 103 5.80 28.65 -40.88
CA ILE B 103 5.59 27.27 -41.29
C ILE B 103 4.55 27.19 -42.41
N ALA B 104 3.42 27.87 -42.22
CA ALA B 104 2.35 27.85 -43.22
C ALA B 104 2.85 28.37 -44.56
N ARG B 105 3.62 29.45 -44.53
CA ARG B 105 4.15 30.03 -45.78
C ARG B 105 5.00 29.04 -46.54
N GLU B 106 5.82 28.28 -45.81
CA GLU B 106 6.71 27.31 -46.41
C GLU B 106 5.94 26.08 -46.90
N VAL B 107 4.89 25.71 -46.18
CA VAL B 107 4.01 24.63 -46.63
C VAL B 107 3.36 25.03 -47.95
N GLY B 108 2.78 26.22 -47.98
CA GLY B 108 2.15 26.72 -49.20
C GLY B 108 0.70 26.32 -49.37
N GLU B 109 -0.04 27.10 -50.15
CA GLU B 109 -1.46 26.89 -50.33
C GLU B 109 -1.84 25.52 -50.90
N VAL B 110 -1.13 25.08 -51.93
CA VAL B 110 -1.46 23.79 -52.57
C VAL B 110 -1.36 22.62 -51.59
N ARG B 111 -0.25 22.55 -50.86
CA ARG B 111 -0.06 21.47 -49.90
C ARG B 111 -0.99 21.60 -48.70
N MET B 112 -1.20 22.82 -48.25
CA MET B 112 -2.11 23.04 -47.11
C MET B 112 -3.50 22.55 -47.46
N GLN B 113 -3.96 22.88 -48.66
CA GLN B 113 -5.27 22.46 -49.13
C GLN B 113 -5.37 20.95 -49.17
N LYS B 114 -4.33 20.30 -49.68
CA LYS B 114 -4.29 18.85 -49.79
C LYS B 114 -4.44 18.19 -48.43
N TYR B 115 -3.66 18.65 -47.46
CA TYR B 115 -3.71 18.03 -46.13
C TYR B 115 -5.02 18.30 -45.39
N LEU B 116 -5.60 19.50 -45.53
CA LEU B 116 -6.88 19.76 -44.87
C LEU B 116 -7.98 18.88 -45.46
N LYS B 117 -7.86 18.54 -46.74
CA LYS B 117 -8.81 17.60 -47.34
C LYS B 117 -8.60 16.21 -46.74
N LYS B 118 -7.35 15.76 -46.70
CA LYS B 118 -7.02 14.46 -46.12
C LYS B 118 -7.53 14.34 -44.68
N PHE B 119 -7.38 15.42 -43.92
CA PHE B 119 -7.77 15.46 -42.51
C PHE B 119 -9.27 15.74 -42.29
N SER B 120 -10.01 16.03 -43.35
CA SER B 120 -11.42 16.41 -43.22
C SER B 120 -11.53 17.52 -42.17
N TYR B 121 -10.75 18.58 -42.35
CA TYR B 121 -10.66 19.64 -41.36
C TYR B 121 -11.59 20.82 -41.63
N GLY B 122 -12.76 20.79 -41.00
CA GLY B 122 -13.74 21.86 -41.09
C GLY B 122 -14.21 22.09 -42.50
N ASN B 123 -14.44 23.35 -42.85
CA ASN B 123 -14.90 23.72 -44.19
C ASN B 123 -13.77 23.74 -45.22
N GLN B 124 -12.55 23.43 -44.76
CA GLN B 124 -11.38 23.34 -45.62
C GLN B 124 -11.17 24.57 -46.47
N ASN B 125 -11.66 25.72 -46.00
CA ASN B 125 -11.54 26.97 -46.72
C ASN B 125 -10.35 27.75 -46.18
N ILE B 126 -9.26 27.80 -46.96
CA ILE B 126 -8.06 28.50 -46.51
C ILE B 126 -7.87 29.86 -47.18
N SER B 127 -8.95 30.43 -47.69
CA SER B 127 -8.87 31.75 -48.29
C SER B 127 -8.70 32.77 -47.18
N GLY B 128 -8.04 33.88 -47.50
CA GLY B 128 -7.80 34.95 -46.54
C GLY B 128 -6.33 35.24 -46.29
N GLY B 129 -5.45 34.54 -46.99
CA GLY B 129 -4.01 34.71 -46.83
C GLY B 129 -3.40 33.47 -46.21
N ILE B 130 -2.27 33.02 -46.73
CA ILE B 130 -1.65 31.78 -46.26
C ILE B 130 -1.24 31.84 -44.80
N ASP B 131 -0.95 33.03 -44.30
CA ASP B 131 -0.53 33.19 -42.90
C ASP B 131 -1.63 33.75 -41.99
N LYS B 132 -2.88 33.77 -42.46
CA LYS B 132 -3.98 34.33 -41.68
C LYS B 132 -5.29 33.53 -41.73
N PHE B 133 -5.37 32.51 -42.56
CA PHE B 133 -6.68 31.89 -42.81
C PHE B 133 -7.36 31.30 -41.57
N TRP B 134 -6.57 30.82 -40.61
CA TRP B 134 -7.12 30.20 -39.41
C TRP B 134 -7.40 31.16 -38.26
N LEU B 135 -6.98 32.42 -38.39
CA LEU B 135 -7.21 33.38 -37.31
C LEU B 135 -8.10 34.55 -37.70
N GLU B 136 -8.12 34.88 -38.99
CA GLU B 136 -8.90 36.00 -39.49
C GLU B 136 -9.62 35.70 -40.80
N GLY B 137 -9.28 34.58 -41.43
CA GLY B 137 -9.80 34.21 -42.73
C GLY B 137 -11.11 33.44 -42.71
N GLN B 138 -11.28 32.54 -43.68
CA GLN B 138 -12.53 31.83 -43.89
C GLN B 138 -12.59 30.41 -43.35
N LEU B 139 -11.51 29.94 -42.73
CA LEU B 139 -11.50 28.57 -42.19
C LEU B 139 -12.39 28.48 -40.95
N ARG B 140 -13.24 27.45 -40.92
CA ARG B 140 -14.19 27.23 -39.83
C ARG B 140 -14.25 25.73 -39.50
N ILE B 141 -14.36 25.42 -38.22
CA ILE B 141 -14.46 24.03 -37.76
C ILE B 141 -15.36 23.97 -36.52
N SER B 142 -16.13 22.89 -36.39
CA SER B 142 -17.01 22.72 -35.27
C SER B 142 -16.36 21.91 -34.16
N ALA B 143 -16.98 21.92 -32.99
CA ALA B 143 -16.52 21.12 -31.86
C ALA B 143 -16.58 19.64 -32.21
N VAL B 144 -17.65 19.18 -32.86
CA VAL B 144 -17.74 17.78 -33.26
C VAL B 144 -16.58 17.41 -34.18
N ASN B 145 -16.26 18.26 -35.14
CA ASN B 145 -15.17 17.99 -36.07
C ASN B 145 -13.82 17.97 -35.34
N GLN B 146 -13.66 18.81 -34.31
CA GLN B 146 -12.42 18.80 -33.53
C GLN B 146 -12.25 17.45 -32.85
N VAL B 147 -13.31 16.94 -32.24
CA VAL B 147 -13.24 15.63 -31.59
C VAL B 147 -12.93 14.51 -32.60
N GLU B 148 -13.54 14.56 -33.78
CA GLU B 148 -13.27 13.55 -34.81
C GLU B 148 -11.82 13.56 -35.22
N PHE B 149 -11.28 14.76 -35.44
CA PHE B 149 -9.91 14.96 -35.86
C PHE B 149 -8.95 14.49 -34.76
N LEU B 150 -9.23 14.87 -33.52
CA LEU B 150 -8.37 14.49 -32.40
C LEU B 150 -8.39 12.99 -32.19
N GLU B 151 -9.56 12.37 -32.36
CA GLU B 151 -9.65 10.91 -32.25
C GLU B 151 -8.77 10.24 -33.30
N SER B 152 -8.80 10.75 -34.52
CA SER B 152 -7.94 10.21 -35.58
C SER B 152 -6.48 10.33 -35.17
N LEU B 153 -6.11 11.48 -34.62
CA LEU B 153 -4.73 11.69 -34.19
C LEU B 153 -4.34 10.69 -33.10
N TYR B 154 -5.19 10.56 -32.09
CA TYR B 154 -4.96 9.63 -30.97
C TYR B 154 -4.67 8.22 -31.48
N LEU B 155 -5.48 7.80 -32.46
CA LEU B 155 -5.36 6.47 -33.06
C LEU B 155 -4.32 6.33 -34.18
N ASN B 156 -3.61 7.42 -34.49
CA ASN B 156 -2.63 7.43 -35.56
C ASN B 156 -3.25 7.15 -36.93
N LYS B 157 -4.51 7.54 -37.08
CA LYS B 157 -5.27 7.31 -38.29
C LYS B 157 -5.28 8.48 -39.27
N LEU B 158 -4.65 9.60 -38.93
CA LEU B 158 -4.56 10.69 -39.90
C LEU B 158 -3.67 10.26 -41.05
N SER B 159 -3.85 10.91 -42.19
CA SER B 159 -3.05 10.64 -43.37
C SER B 159 -1.69 11.32 -43.23
N ALA B 160 -0.88 10.77 -42.33
CA ALA B 160 0.46 11.26 -42.03
C ALA B 160 1.20 10.11 -41.37
N SER B 161 2.52 10.17 -41.32
CA SER B 161 3.29 9.07 -40.73
C SER B 161 2.92 8.90 -39.25
N LYS B 162 3.01 7.68 -38.75
CA LYS B 162 2.75 7.45 -37.33
C LYS B 162 3.75 8.25 -36.50
N GLU B 163 5.01 8.28 -36.95
CA GLU B 163 6.07 9.04 -36.28
C GLU B 163 5.64 10.48 -36.06
N ASN B 164 5.19 11.12 -37.13
CA ASN B 164 4.82 12.52 -37.03
C ASN B 164 3.61 12.76 -36.11
N GLN B 165 2.67 11.83 -36.11
CA GLN B 165 1.52 11.95 -35.24
C GLN B 165 1.97 11.80 -33.78
N LEU B 166 2.89 10.87 -33.54
CA LEU B 166 3.42 10.66 -32.20
C LEU B 166 4.18 11.87 -31.69
N ILE B 167 4.94 12.51 -32.58
CA ILE B 167 5.70 13.69 -32.22
C ILE B 167 4.76 14.80 -31.76
N VAL B 168 3.70 15.03 -32.53
CA VAL B 168 2.76 16.08 -32.16
C VAL B 168 1.99 15.72 -30.89
N LYS B 169 1.64 14.46 -30.73
CA LYS B 169 0.96 14.05 -29.50
C LYS B 169 1.78 14.39 -28.26
N GLU B 170 3.08 14.07 -28.22
CA GLU B 170 3.84 14.40 -27.02
C GLU B 170 3.92 15.91 -26.82
N ALA B 171 3.94 16.66 -27.92
CA ALA B 171 3.98 18.12 -27.83
C ALA B 171 2.71 18.69 -27.20
N LEU B 172 1.63 17.91 -27.21
CA LEU B 172 0.36 18.36 -26.68
C LEU B 172 0.09 17.98 -25.22
N VAL B 173 1.01 17.25 -24.60
CA VAL B 173 0.80 16.86 -23.21
C VAL B 173 0.77 18.08 -22.29
N THR B 174 -0.27 18.20 -21.47
CA THR B 174 -0.37 19.34 -20.55
C THR B 174 -0.56 18.98 -19.08
N GLU B 175 -0.96 17.75 -18.81
CA GLU B 175 -1.09 17.28 -17.44
C GLU B 175 -0.63 15.83 -17.45
N ALA B 176 0.25 15.48 -16.51
CA ALA B 176 0.80 14.14 -16.47
C ALA B 176 0.86 13.57 -15.04
N ALA B 177 0.33 12.36 -14.89
CA ALA B 177 0.39 11.58 -13.65
C ALA B 177 0.47 10.13 -14.10
N PRO B 178 0.86 9.20 -13.22
CA PRO B 178 1.01 7.81 -13.63
C PRO B 178 -0.19 7.18 -14.34
N GLU B 179 -1.41 7.48 -13.89
CA GLU B 179 -2.60 6.91 -14.50
C GLU B 179 -3.57 7.99 -14.99
N TYR B 180 -3.04 9.16 -15.32
CA TYR B 180 -3.87 10.26 -15.79
C TYR B 180 -3.00 11.11 -16.70
N LEU B 181 -3.46 11.30 -17.93
CA LEU B 181 -2.68 12.05 -18.90
C LEU B 181 -3.61 12.90 -19.76
N VAL B 182 -3.31 14.18 -19.88
CA VAL B 182 -4.11 15.07 -20.70
C VAL B 182 -3.30 15.66 -21.83
N HIS B 183 -3.85 15.59 -23.04
CA HIS B 183 -3.30 16.26 -24.21
C HIS B 183 -4.32 17.36 -24.54
N SER B 184 -3.87 18.60 -24.68
CA SER B 184 -4.81 19.69 -24.95
C SER B 184 -4.19 20.89 -25.63
N LYS B 185 -5.04 21.74 -26.18
CA LYS B 185 -4.62 22.97 -26.85
C LYS B 185 -5.72 24.01 -26.76
N THR B 186 -5.34 25.26 -26.44
CA THR B 186 -6.30 26.36 -26.40
C THR B 186 -6.30 27.16 -27.68
N GLY B 187 -7.32 28.01 -27.82
CA GLY B 187 -7.42 28.94 -28.94
C GLY B 187 -8.19 30.17 -28.47
N PHE B 188 -7.89 31.32 -29.07
CA PHE B 188 -8.56 32.58 -28.76
C PHE B 188 -8.46 33.49 -29.99
N SER B 189 -9.56 33.69 -30.70
CA SER B 189 -9.52 34.45 -31.95
C SER B 189 -9.40 35.97 -31.74
N GLY B 190 -9.74 36.40 -30.53
CA GLY B 190 -9.79 37.82 -30.20
C GLY B 190 -11.13 38.13 -29.58
N VAL B 191 -11.39 39.41 -29.30
CA VAL B 191 -12.65 39.81 -28.67
C VAL B 191 -13.73 40.27 -29.64
N GLY B 192 -13.39 40.38 -30.92
CA GLY B 192 -14.35 40.83 -31.91
C GLY B 192 -15.04 42.08 -31.41
N THR B 193 -16.37 42.05 -31.45
CA THR B 193 -17.21 43.11 -30.91
C THR B 193 -18.32 42.48 -30.09
N GLU B 194 -19.15 43.31 -29.45
CA GLU B 194 -20.29 42.82 -28.69
C GLU B 194 -21.28 42.09 -29.60
N SER B 195 -21.51 42.65 -30.79
CA SER B 195 -22.44 42.06 -31.75
C SER B 195 -21.87 40.89 -32.52
N ASN B 196 -20.55 40.91 -32.71
CA ASN B 196 -19.84 39.83 -33.42
C ASN B 196 -18.62 39.43 -32.61
N PRO B 197 -18.85 38.69 -31.54
CA PRO B 197 -17.77 38.32 -30.62
C PRO B 197 -16.78 37.34 -31.20
N GLY B 198 -15.63 37.24 -30.54
CA GLY B 198 -14.62 36.28 -30.92
C GLY B 198 -14.99 34.92 -30.36
N VAL B 199 -14.10 33.94 -30.57
CA VAL B 199 -14.33 32.60 -30.06
C VAL B 199 -13.10 32.16 -29.26
N ALA B 200 -13.32 31.43 -28.19
CA ALA B 200 -12.24 30.82 -27.40
C ALA B 200 -12.47 29.31 -27.40
N TRP B 201 -11.38 28.54 -27.48
CA TRP B 201 -11.44 27.09 -27.53
C TRP B 201 -10.57 26.41 -26.49
N TRP B 202 -10.97 25.20 -26.09
CA TRP B 202 -10.06 24.29 -25.38
C TRP B 202 -10.42 22.91 -25.91
N VAL B 203 -9.47 22.23 -26.56
CA VAL B 203 -9.72 20.91 -27.14
C VAL B 203 -8.64 19.91 -26.74
N GLY B 204 -8.98 18.62 -26.77
CA GLY B 204 -8.00 17.61 -26.45
C GLY B 204 -8.59 16.27 -26.07
N TRP B 205 -7.84 15.52 -25.28
CA TRP B 205 -8.34 14.27 -24.77
C TRP B 205 -7.70 13.93 -23.43
N VAL B 206 -8.41 13.13 -22.66
CA VAL B 206 -7.96 12.72 -21.34
C VAL B 206 -7.89 11.21 -21.29
N GLU B 207 -6.75 10.69 -20.84
CA GLU B 207 -6.59 9.25 -20.63
C GLU B 207 -6.60 9.07 -19.12
N LYS B 208 -7.61 8.38 -18.61
CA LYS B 208 -7.72 8.10 -17.18
C LYS B 208 -7.77 6.58 -17.03
N GLU B 209 -6.77 6.04 -16.35
CA GLU B 209 -6.67 4.59 -16.21
C GLU B 209 -6.72 4.00 -17.62
N THR B 210 -7.66 3.09 -17.92
CA THR B 210 -7.67 2.52 -19.27
C THR B 210 -8.77 3.08 -20.17
N GLU B 211 -9.33 4.22 -19.79
CA GLU B 211 -10.37 4.83 -20.61
C GLU B 211 -9.81 6.09 -21.26
N VAL B 212 -10.43 6.49 -22.37
CA VAL B 212 -10.05 7.73 -23.04
C VAL B 212 -11.31 8.55 -23.30
N TYR B 213 -11.19 9.87 -23.13
CA TYR B 213 -12.29 10.80 -23.37
C TYR B 213 -11.79 11.89 -24.29
N PHE B 214 -12.51 12.12 -25.39
CA PHE B 214 -12.15 13.19 -26.31
C PHE B 214 -13.06 14.38 -26.01
N PHE B 215 -12.51 15.59 -26.07
CA PHE B 215 -13.33 16.74 -25.76
C PHE B 215 -13.04 17.96 -26.61
N ALA B 216 -14.05 18.80 -26.75
CA ALA B 216 -13.90 20.06 -27.45
C ALA B 216 -14.86 21.07 -26.84
N PHE B 217 -14.33 22.25 -26.51
CA PHE B 217 -15.11 23.31 -25.91
C PHE B 217 -14.88 24.60 -26.67
N ASN B 218 -15.96 25.33 -26.95
CA ASN B 218 -15.82 26.68 -27.47
C ASN B 218 -16.87 27.60 -26.85
N MET B 219 -16.57 28.89 -26.82
CA MET B 219 -17.47 29.87 -26.26
C MET B 219 -17.28 31.20 -26.99
N ASP B 220 -18.34 32.00 -26.99
CA ASP B 220 -18.28 33.34 -27.52
C ASP B 220 -17.55 34.19 -26.49
N ILE B 221 -16.66 35.08 -26.94
CA ILE B 221 -15.92 35.93 -26.00
C ILE B 221 -15.76 37.32 -26.55
N ASP B 222 -16.07 38.32 -25.74
CA ASP B 222 -15.90 39.71 -26.17
C ASP B 222 -15.09 40.52 -25.15
N ASN B 223 -14.53 39.81 -24.17
CA ASN B 223 -13.72 40.42 -23.13
C ASN B 223 -12.65 39.44 -22.67
N GLU B 224 -11.40 39.86 -22.77
CA GLU B 224 -10.27 39.00 -22.45
C GLU B 224 -10.31 38.48 -21.02
N SER B 225 -10.98 39.19 -20.13
CA SER B 225 -11.01 38.77 -18.73
C SER B 225 -11.76 37.45 -18.55
N LYS B 226 -12.60 37.09 -19.53
CA LYS B 226 -13.39 35.86 -19.44
C LYS B 226 -12.60 34.64 -19.95
N LEU B 227 -11.39 34.85 -20.43
CA LEU B 227 -10.62 33.78 -21.07
C LEU B 227 -10.45 32.46 -20.30
N PRO B 228 -10.19 32.50 -18.98
CA PRO B 228 -9.97 31.25 -18.25
C PRO B 228 -11.19 30.33 -18.18
N LEU B 229 -12.37 30.85 -18.47
CA LEU B 229 -13.56 30.03 -18.46
C LEU B 229 -13.49 28.96 -19.55
N ARG B 230 -12.64 29.17 -20.57
CA ARG B 230 -12.50 28.16 -21.63
C ARG B 230 -11.93 26.84 -21.08
N LYS B 231 -11.25 26.89 -19.95
CA LYS B 231 -10.74 25.69 -19.31
C LYS B 231 -11.56 25.30 -18.07
N SER B 232 -12.02 26.29 -17.31
CA SER B 232 -12.73 25.98 -16.06
C SER B 232 -14.12 25.37 -16.28
N ILE B 233 -14.86 25.85 -17.27
CA ILE B 233 -16.18 25.27 -17.52
C ILE B 233 -16.08 23.78 -17.92
N PRO B 234 -15.31 23.45 -18.95
CA PRO B 234 -15.15 22.05 -19.35
C PRO B 234 -14.54 21.19 -18.25
N THR B 235 -13.59 21.76 -17.52
CA THR B 235 -12.97 21.02 -16.41
C THR B 235 -14.01 20.66 -15.36
N LYS B 236 -14.86 21.63 -14.99
CA LYS B 236 -15.89 21.37 -13.99
C LYS B 236 -16.87 20.30 -14.50
N ILE B 237 -17.21 20.34 -15.77
CA ILE B 237 -18.10 19.34 -16.33
C ILE B 237 -17.44 17.96 -16.25
N MET B 238 -16.20 17.89 -16.71
CA MET B 238 -15.48 16.61 -16.72
C MET B 238 -15.33 16.07 -15.30
N GLU B 239 -15.04 16.95 -14.35
CA GLU B 239 -14.89 16.53 -12.95
C GLU B 239 -16.21 15.98 -12.41
N SER B 240 -17.33 16.57 -12.83
CA SER B 240 -18.65 16.12 -12.39
C SER B 240 -18.99 14.73 -12.95
N GLU B 241 -18.31 14.35 -14.03
CA GLU B 241 -18.51 13.03 -14.63
C GLU B 241 -17.46 12.03 -14.12
N GLY B 242 -16.63 12.46 -13.17
CA GLY B 242 -15.62 11.60 -12.59
C GLY B 242 -14.28 11.58 -13.31
N ILE B 243 -14.12 12.44 -14.30
CA ILE B 243 -12.89 12.52 -15.06
C ILE B 243 -11.95 13.51 -14.37
N ILE B 244 -11.08 12.98 -13.51
CA ILE B 244 -10.18 13.80 -12.73
C ILE B 244 -9.05 12.89 -12.28
N GLY B 245 -7.88 13.48 -12.02
CA GLY B 245 -6.74 12.71 -11.55
C GLY B 245 -6.96 12.22 -10.13
N ILE C 2 -26.05 -0.73 6.78
CA ILE C 2 -26.18 -2.22 6.86
C ILE C 2 -27.13 -2.75 5.80
N THR C 3 -26.62 -3.64 4.96
CA THR C 3 -27.44 -4.34 3.97
C THR C 3 -27.93 -5.73 4.41
N GLU C 4 -28.98 -6.19 3.73
CA GLU C 4 -29.58 -7.47 4.03
C GLU C 4 -29.19 -8.51 2.98
N ASN C 5 -28.80 -9.69 3.43
CA ASN C 5 -28.45 -10.78 2.53
C ASN C 5 -29.34 -11.97 2.89
N THR C 6 -30.50 -12.05 2.26
CA THR C 6 -31.46 -13.10 2.58
C THR C 6 -30.99 -14.48 2.18
N SER C 7 -29.96 -14.55 1.34
CA SER C 7 -29.41 -15.84 0.94
C SER C 7 -28.80 -16.58 2.13
N TRP C 8 -28.46 -15.84 3.19
CA TRP C 8 -27.89 -16.47 4.40
C TRP C 8 -28.95 -17.25 5.19
N ASN C 9 -30.23 -17.00 4.92
CA ASN C 9 -31.30 -17.69 5.63
C ASN C 9 -31.19 -19.21 5.45
N LYS C 10 -30.65 -19.62 4.30
CA LYS C 10 -30.46 -21.04 3.99
C LYS C 10 -29.79 -21.80 5.14
N GLU C 11 -28.80 -21.16 5.77
CA GLU C 11 -28.04 -21.75 6.85
C GLU C 11 -28.85 -21.98 8.13
N PHE C 12 -29.90 -21.20 8.32
CA PHE C 12 -30.75 -21.32 9.50
C PHE C 12 -31.88 -22.33 9.24
N SER C 13 -32.32 -22.36 7.98
CA SER C 13 -33.49 -23.16 7.59
C SER C 13 -33.36 -24.65 7.75
N ALA C 14 -32.21 -25.20 7.39
CA ALA C 14 -31.98 -26.63 7.49
C ALA C 14 -32.27 -27.13 8.90
N GLU C 15 -32.07 -26.27 9.91
CA GLU C 15 -32.28 -26.67 11.28
C GLU C 15 -33.55 -26.07 11.90
N ALA C 16 -34.38 -25.45 11.07
CA ALA C 16 -35.61 -24.82 11.57
C ALA C 16 -35.27 -23.90 12.74
N VAL C 17 -34.23 -23.10 12.55
CA VAL C 17 -33.76 -22.16 13.56
C VAL C 17 -34.16 -20.74 13.20
N ASN C 18 -34.64 -19.99 14.19
CA ASN C 18 -34.95 -18.58 14.01
C ASN C 18 -33.83 -17.79 14.66
N GLY C 19 -33.10 -17.01 13.86
CA GLY C 19 -31.97 -16.27 14.40
C GLY C 19 -31.42 -15.24 13.44
N VAL C 20 -30.34 -14.60 13.86
CA VAL C 20 -29.73 -13.57 13.05
C VAL C 20 -28.22 -13.60 13.17
N PHE C 21 -27.57 -13.22 12.08
CA PHE C 21 -26.13 -13.06 12.03
C PHE C 21 -25.84 -11.70 11.45
N VAL C 22 -24.94 -10.97 12.13
CA VAL C 22 -24.49 -9.67 11.66
C VAL C 22 -22.98 -9.77 11.49
N LEU C 23 -22.49 -9.41 10.30
CA LEU C 23 -21.08 -9.52 9.97
C LEU C 23 -20.59 -8.21 9.36
N CYS C 24 -19.53 -7.65 9.92
CA CYS C 24 -18.99 -6.36 9.48
C CYS C 24 -17.51 -6.44 9.15
N LYS C 25 -17.11 -5.92 7.99
CA LYS C 25 -15.70 -5.91 7.60
C LYS C 25 -15.11 -4.54 7.88
N SER C 26 -14.00 -4.52 8.63
CA SER C 26 -13.24 -3.30 8.94
C SER C 26 -13.85 -2.40 10.00
N SER C 27 -15.15 -2.13 9.86
CA SER C 27 -15.86 -1.29 10.82
C SER C 27 -17.35 -1.55 10.76
N SER C 28 -18.08 -0.99 11.72
CA SER C 28 -19.53 -1.14 11.77
C SER C 28 -20.25 -0.29 10.71
N LYS C 29 -19.49 0.36 9.83
CA LYS C 29 -20.07 1.12 8.74
C LYS C 29 -20.29 0.24 7.51
N SER C 30 -19.78 -0.99 7.57
CA SER C 30 -19.91 -1.93 6.47
C SER C 30 -20.40 -3.28 6.99
N CYS C 31 -21.68 -3.34 7.36
CA CYS C 31 -22.27 -4.55 7.91
C CYS C 31 -23.27 -5.23 6.97
N ALA C 32 -23.41 -6.54 7.13
CA ALA C 32 -24.41 -7.31 6.40
C ALA C 32 -25.10 -8.25 7.39
N THR C 33 -26.36 -8.59 7.11
CA THR C 33 -27.13 -9.48 7.99
C THR C 33 -28.16 -10.26 7.17
N ASN C 34 -28.57 -11.41 7.69
CA ASN C 34 -29.62 -12.18 7.01
C ASN C 34 -31.01 -11.58 7.23
N ASP C 35 -31.18 -10.80 8.31
CA ASP C 35 -32.50 -10.33 8.73
C ASP C 35 -32.37 -8.96 9.40
N LEU C 36 -32.65 -7.90 8.65
CA LEU C 36 -32.54 -6.55 9.18
C LEU C 36 -33.37 -6.33 10.43
N ALA C 37 -34.58 -6.85 10.41
CA ALA C 37 -35.48 -6.66 11.54
C ALA C 37 -34.90 -7.28 12.81
N ARG C 38 -34.52 -8.55 12.74
CA ARG C 38 -34.00 -9.20 13.92
C ARG C 38 -32.64 -8.66 14.35
N ALA C 39 -31.87 -8.16 13.38
CA ALA C 39 -30.57 -7.60 13.68
C ALA C 39 -30.67 -6.48 14.73
N SER C 40 -31.79 -5.76 14.73
CA SER C 40 -31.98 -4.64 15.67
C SER C 40 -32.87 -4.98 16.86
N LYS C 41 -33.44 -6.19 16.88
CA LYS C 41 -34.26 -6.63 18.00
C LYS C 41 -33.35 -6.93 19.18
N GLU C 42 -33.82 -6.62 20.39
CA GLU C 42 -32.97 -6.74 21.57
C GLU C 42 -33.32 -7.96 22.39
N TYR C 43 -32.28 -8.70 22.77
CA TYR C 43 -32.42 -9.94 23.52
C TYR C 43 -31.54 -9.95 24.78
N LEU C 44 -31.92 -10.78 25.76
CA LEU C 44 -31.10 -10.96 26.95
C LEU C 44 -29.67 -11.29 26.55
N PRO C 45 -28.68 -10.58 27.08
CA PRO C 45 -27.29 -10.86 26.70
C PRO C 45 -26.73 -12.16 27.28
N ALA C 46 -27.31 -12.63 28.38
CA ALA C 46 -26.79 -13.80 29.08
C ALA C 46 -25.29 -13.60 29.32
N SER C 47 -24.48 -14.64 29.12
CA SER C 47 -23.06 -14.53 29.43
C SER C 47 -22.23 -13.61 28.53
N THR C 48 -22.81 -13.07 27.47
CA THR C 48 -22.04 -12.08 26.71
C THR C 48 -21.87 -10.85 27.59
N PHE C 49 -22.71 -10.71 28.63
CA PHE C 49 -22.56 -9.60 29.55
C PHE C 49 -21.26 -9.65 30.36
N LYS C 50 -20.60 -10.81 30.37
CA LYS C 50 -19.34 -10.91 31.09
C LYS C 50 -18.32 -9.92 30.56
N ILE C 51 -18.45 -9.55 29.28
CA ILE C 51 -17.50 -8.58 28.71
C ILE C 51 -17.60 -7.21 29.40
N PRO C 52 -18.75 -6.54 29.33
CA PRO C 52 -18.87 -5.27 30.04
C PRO C 52 -18.69 -5.43 31.56
N ASN C 53 -19.20 -6.52 32.13
CA ASN C 53 -19.09 -6.73 33.58
C ASN C 53 -17.62 -6.81 34.01
N ALA C 54 -16.77 -7.50 33.25
CA ALA C 54 -15.35 -7.60 33.56
C ALA C 54 -14.65 -6.24 33.45
N ILE C 55 -14.99 -5.48 32.41
CA ILE C 55 -14.39 -4.18 32.23
C ILE C 55 -14.76 -3.26 33.40
N ILE C 56 -16.04 -3.27 33.76
CA ILE C 56 -16.54 -2.45 34.88
C ILE C 56 -15.90 -2.90 36.20
N GLY C 57 -15.78 -4.21 36.38
CA GLY C 57 -15.12 -4.76 37.56
C GLY C 57 -13.71 -4.23 37.72
N LEU C 58 -12.97 -4.17 36.61
CA LEU C 58 -11.60 -3.66 36.62
C LEU C 58 -11.57 -2.15 36.85
N GLU C 59 -12.46 -1.42 36.17
CA GLU C 59 -12.52 0.04 36.30
C GLU C 59 -12.83 0.50 37.71
N THR C 60 -13.79 -0.16 38.36
CA THR C 60 -14.21 0.23 39.71
C THR C 60 -13.27 -0.28 40.78
N GLY C 61 -12.35 -1.18 40.41
CA GLY C 61 -11.42 -1.76 41.35
C GLY C 61 -11.92 -3.03 42.02
N VAL C 62 -13.14 -3.43 41.70
CA VAL C 62 -13.72 -4.64 42.27
C VAL C 62 -12.86 -5.86 41.88
N ILE C 63 -12.34 -5.82 40.66
CA ILE C 63 -11.35 -6.79 40.18
C ILE C 63 -10.01 -6.06 40.26
N LYS C 64 -9.05 -6.59 41.02
CA LYS C 64 -7.78 -5.88 41.26
C LYS C 64 -6.92 -5.67 40.04
N ASN C 65 -6.62 -6.74 39.32
CA ASN C 65 -5.79 -6.68 38.13
C ASN C 65 -5.98 -7.94 37.31
N GLU C 66 -5.22 -8.07 36.23
CA GLU C 66 -5.35 -9.20 35.33
C GLU C 66 -5.01 -10.53 35.98
N HIS C 67 -4.23 -10.51 37.06
CA HIS C 67 -3.79 -11.74 37.69
C HIS C 67 -4.59 -12.13 38.92
N GLN C 68 -5.69 -11.46 39.18
CA GLN C 68 -6.52 -11.82 40.32
C GLN C 68 -7.01 -13.25 40.17
N VAL C 69 -6.94 -14.00 41.27
CA VAL C 69 -7.45 -15.36 41.27
C VAL C 69 -8.75 -15.38 42.05
N PHE C 70 -9.78 -15.96 41.45
CA PHE C 70 -11.08 -16.07 42.09
C PHE C 70 -11.16 -17.43 42.75
N LYS C 71 -10.95 -17.44 44.06
CA LYS C 71 -10.90 -18.67 44.82
C LYS C 71 -12.27 -19.20 45.18
N TRP C 72 -12.42 -20.51 45.10
CA TRP C 72 -13.66 -21.15 45.50
C TRP C 72 -13.67 -21.20 47.02
N ASP C 73 -14.72 -20.68 47.62
CA ASP C 73 -14.85 -20.70 49.08
C ASP C 73 -15.16 -22.10 49.59
N ALA C 78 -24.13 -27.00 42.83
CA ALA C 78 -24.77 -28.01 41.99
C ALA C 78 -24.05 -28.14 40.65
N MET C 79 -22.99 -27.37 40.47
CA MET C 79 -22.17 -27.41 39.26
C MET C 79 -20.72 -27.60 39.67
N LYS C 80 -20.04 -28.55 39.03
CA LYS C 80 -18.66 -28.84 39.35
C LYS C 80 -17.76 -27.66 39.03
N GLN C 81 -17.99 -27.03 37.88
CA GLN C 81 -17.21 -25.89 37.44
C GLN C 81 -17.16 -24.76 38.47
N TRP C 82 -18.21 -24.62 39.27
CA TRP C 82 -18.25 -23.53 40.25
C TRP C 82 -17.50 -23.86 41.54
N GLU C 83 -16.77 -24.96 41.55
CA GLU C 83 -16.00 -25.37 42.72
C GLU C 83 -14.50 -25.38 42.50
N ARG C 84 -14.03 -24.60 41.52
CA ARG C 84 -12.60 -24.53 41.26
C ARG C 84 -12.10 -23.09 41.26
N ASP C 85 -10.81 -22.92 41.49
CA ASP C 85 -10.20 -21.60 41.48
C ASP C 85 -10.06 -21.20 40.03
N LEU C 86 -10.29 -19.93 39.73
CA LEU C 86 -10.23 -19.46 38.35
C LEU C 86 -9.46 -18.14 38.21
N THR C 87 -8.82 -17.95 37.06
CA THR C 87 -8.22 -16.67 36.74
C THR C 87 -9.34 -15.85 36.11
N LEU C 88 -9.06 -14.58 35.80
CA LEU C 88 -10.06 -13.75 35.15
C LEU C 88 -10.44 -14.39 33.83
N ARG C 89 -9.44 -14.83 33.07
CA ARG C 89 -9.69 -15.47 31.79
C ARG C 89 -10.56 -16.72 31.97
N GLY C 90 -10.20 -17.56 32.95
CA GLY C 90 -10.97 -18.75 33.22
C GLY C 90 -12.41 -18.44 33.57
N ALA C 91 -12.63 -17.43 34.42
CA ALA C 91 -13.98 -17.08 34.84
C ALA C 91 -14.83 -16.63 33.65
N ILE C 92 -14.19 -15.98 32.69
CA ILE C 92 -14.90 -15.51 31.51
C ILE C 92 -15.23 -16.67 30.57
N GLN C 93 -14.26 -17.56 30.36
CA GLN C 93 -14.41 -18.63 29.38
C GLN C 93 -15.12 -19.90 29.84
N VAL C 94 -15.24 -20.11 31.15
CA VAL C 94 -15.96 -21.27 31.66
C VAL C 94 -17.13 -20.80 32.52
N SER C 95 -18.04 -21.72 32.85
CA SER C 95 -19.17 -21.37 33.68
C SER C 95 -18.67 -20.99 35.08
N ALA C 96 -19.04 -19.79 35.52
CA ALA C 96 -18.61 -19.26 36.80
C ALA C 96 -19.66 -18.29 37.31
N VAL C 97 -20.88 -18.79 37.48
CA VAL C 97 -21.99 -17.93 37.87
C VAL C 97 -21.73 -17.10 39.13
N PRO C 98 -21.33 -17.75 40.22
CA PRO C 98 -21.10 -17.01 41.47
C PRO C 98 -20.07 -15.89 41.34
N VAL C 99 -19.03 -16.08 40.53
CA VAL C 99 -17.98 -15.07 40.37
C VAL C 99 -18.55 -13.75 39.88
N PHE C 100 -19.27 -13.80 38.76
CA PHE C 100 -19.82 -12.58 38.18
C PHE C 100 -21.05 -12.06 38.93
N GLN C 101 -21.74 -12.95 39.63
CA GLN C 101 -22.83 -12.50 40.48
C GLN C 101 -22.24 -11.62 41.58
N GLN C 102 -21.12 -12.07 42.16
CA GLN C 102 -20.45 -11.31 43.21
C GLN C 102 -19.84 -10.01 42.68
N ILE C 103 -19.27 -10.06 41.48
CA ILE C 103 -18.72 -8.86 40.87
C ILE C 103 -19.81 -7.81 40.72
N ALA C 104 -20.96 -8.23 40.18
CA ALA C 104 -22.07 -7.32 39.95
C ALA C 104 -22.59 -6.69 41.25
N ARG C 105 -22.69 -7.49 42.31
CA ARG C 105 -23.14 -6.99 43.61
C ARG C 105 -22.20 -5.93 44.16
N GLU C 106 -20.90 -6.17 44.03
CA GLU C 106 -19.89 -5.25 44.54
C GLU C 106 -19.85 -3.95 43.74
N VAL C 107 -20.05 -4.06 42.43
CA VAL C 107 -20.16 -2.90 41.58
C VAL C 107 -21.35 -2.04 42.02
N GLY C 108 -22.51 -2.67 42.18
CA GLY C 108 -23.71 -1.96 42.62
C GLY C 108 -24.51 -1.36 41.48
N GLU C 109 -25.81 -1.16 41.69
CA GLU C 109 -26.68 -0.67 40.64
C GLU C 109 -26.33 0.74 40.11
N VAL C 110 -25.96 1.66 40.99
CA VAL C 110 -25.68 3.02 40.52
C VAL C 110 -24.50 3.03 39.55
N ARG C 111 -23.39 2.42 39.96
CA ARG C 111 -22.20 2.36 39.12
C ARG C 111 -22.42 1.53 37.87
N MET C 112 -23.15 0.42 38.01
CA MET C 112 -23.46 -0.43 36.84
C MET C 112 -24.24 0.37 35.81
N GLN C 113 -25.26 1.09 36.27
CA GLN C 113 -26.09 1.91 35.40
C GLN C 113 -25.24 2.98 34.69
N LYS C 114 -24.33 3.60 35.44
CA LYS C 114 -23.44 4.63 34.91
C LYS C 114 -22.61 4.11 33.75
N TYR C 115 -21.97 2.96 33.95
CA TYR C 115 -21.12 2.39 32.90
C TYR C 115 -21.90 1.90 31.68
N LEU C 116 -23.10 1.34 31.88
CA LEU C 116 -23.87 0.91 30.72
C LEU C 116 -24.33 2.10 29.90
N LYS C 117 -24.49 3.26 30.54
CA LYS C 117 -24.80 4.48 29.81
C LYS C 117 -23.59 4.89 28.97
N LYS C 118 -22.41 4.88 29.59
CA LYS C 118 -21.17 5.22 28.90
C LYS C 118 -20.92 4.28 27.72
N PHE C 119 -21.24 3.00 27.92
CA PHE C 119 -21.04 1.97 26.90
C PHE C 119 -22.16 1.90 25.86
N SER C 120 -23.23 2.66 26.03
CA SER C 120 -24.39 2.56 25.15
C SER C 120 -24.79 1.09 25.00
N TYR C 121 -24.94 0.42 26.13
CA TYR C 121 -25.20 -1.02 26.14
C TYR C 121 -26.68 -1.38 26.16
N GLY C 122 -27.23 -1.66 24.98
CA GLY C 122 -28.61 -2.08 24.83
C GLY C 122 -29.63 -1.12 25.40
N ASN C 123 -30.68 -1.66 25.99
CA ASN C 123 -31.72 -0.84 26.59
C ASN C 123 -31.33 -0.26 27.95
N GLN C 124 -30.13 -0.60 28.42
CA GLN C 124 -29.59 -0.09 29.68
C GLN C 124 -30.52 -0.30 30.88
N ASN C 125 -31.35 -1.33 30.79
CA ASN C 125 -32.33 -1.64 31.82
C ASN C 125 -31.79 -2.77 32.69
N ILE C 126 -31.36 -2.43 33.90
CA ILE C 126 -30.75 -3.42 34.80
C ILE C 126 -31.67 -3.84 35.95
N SER C 127 -32.96 -3.59 35.80
CA SER C 127 -33.91 -4.06 36.80
C SER C 127 -33.97 -5.59 36.70
N GLY C 128 -34.38 -6.22 37.79
CA GLY C 128 -34.49 -7.66 37.84
C GLY C 128 -33.60 -8.31 38.88
N GLY C 129 -32.81 -7.50 39.59
CA GLY C 129 -31.89 -8.01 40.58
C GLY C 129 -30.48 -7.74 40.12
N ILE C 130 -29.67 -7.13 40.99
CA ILE C 130 -28.30 -6.73 40.60
C ILE C 130 -27.43 -7.90 40.17
N ASP C 131 -27.74 -9.11 40.63
CA ASP C 131 -26.92 -10.28 40.29
C ASP C 131 -27.55 -11.20 39.23
N LYS C 132 -28.56 -10.74 38.52
CA LYS C 132 -29.16 -11.57 37.48
C LYS C 132 -29.89 -10.81 36.38
N PHE C 133 -29.73 -9.49 36.32
CA PHE C 133 -30.46 -8.70 35.33
C PHE C 133 -30.12 -9.09 33.90
N TRP C 134 -28.90 -9.58 33.68
CA TRP C 134 -28.46 -9.93 32.32
C TRP C 134 -28.94 -11.31 31.89
N LEU C 135 -29.48 -12.07 32.83
CA LEU C 135 -29.92 -13.43 32.58
C LEU C 135 -31.43 -13.63 32.73
N GLU C 136 -32.02 -13.05 33.78
CA GLU C 136 -33.44 -13.20 34.06
C GLU C 136 -34.17 -11.86 34.13
N GLY C 137 -33.42 -10.77 34.02
CA GLY C 137 -33.98 -9.44 34.17
C GLY C 137 -34.48 -8.77 32.91
N GLN C 138 -34.41 -7.45 32.92
CA GLN C 138 -34.96 -6.61 31.87
C GLN C 138 -33.93 -6.13 30.85
N LEU C 139 -32.67 -6.52 31.01
CA LEU C 139 -31.62 -6.06 30.09
C LEU C 139 -31.77 -6.76 28.74
N ARG C 140 -31.67 -5.97 27.67
CA ARG C 140 -31.77 -6.46 26.30
C ARG C 140 -30.75 -5.70 25.45
N ILE C 141 -30.14 -6.41 24.49
CA ILE C 141 -29.19 -5.83 23.54
C ILE C 141 -29.34 -6.53 22.19
N SER C 142 -29.20 -5.75 21.12
CA SER C 142 -29.30 -6.30 19.76
C SER C 142 -27.95 -6.75 19.22
N ALA C 143 -27.99 -7.53 18.14
CA ALA C 143 -26.77 -7.99 17.49
C ALA C 143 -25.99 -6.80 16.95
N VAL C 144 -26.70 -5.83 16.38
CA VAL C 144 -26.06 -4.61 15.89
C VAL C 144 -25.34 -3.88 17.03
N ASN C 145 -25.99 -3.76 18.18
CA ASN C 145 -25.40 -3.07 19.33
C ASN C 145 -24.19 -3.84 19.85
N GLN C 146 -24.26 -5.17 19.84
CA GLN C 146 -23.11 -5.99 20.23
C GLN C 146 -21.90 -5.67 19.32
N VAL C 147 -22.13 -5.60 18.01
CA VAL C 147 -21.03 -5.28 17.10
C VAL C 147 -20.46 -3.88 17.38
N GLU C 148 -21.32 -2.91 17.65
CA GLU C 148 -20.85 -1.56 17.92
C GLU C 148 -20.00 -1.54 19.19
N PHE C 149 -20.48 -2.23 20.22
CA PHE C 149 -19.78 -2.34 21.49
C PHE C 149 -18.43 -3.02 21.34
N LEU C 150 -18.40 -4.12 20.61
CA LEU C 150 -17.16 -4.88 20.40
C LEU C 150 -16.15 -4.08 19.58
N GLU C 151 -16.63 -3.33 18.59
CA GLU C 151 -15.76 -2.47 17.81
C GLU C 151 -15.10 -1.42 18.71
N SER C 152 -15.89 -0.77 19.57
CA SER C 152 -15.32 0.18 20.52
C SER C 152 -14.22 -0.47 21.37
N LEU C 153 -14.48 -1.67 21.88
CA LEU C 153 -13.50 -2.38 22.69
C LEU C 153 -12.22 -2.67 21.88
N TYR C 154 -12.40 -3.15 20.66
CA TYR C 154 -11.28 -3.44 19.77
C TYR C 154 -10.38 -2.22 19.65
N LEU C 155 -11.02 -1.07 19.47
CA LEU C 155 -10.32 0.19 19.25
C LEU C 155 -9.88 0.91 20.54
N ASN C 156 -10.23 0.34 21.69
CA ASN C 156 -9.91 0.93 22.99
C ASN C 156 -10.66 2.24 23.21
N LYS C 157 -11.82 2.36 22.58
CA LYS C 157 -12.62 3.58 22.65
C LYS C 157 -13.70 3.55 23.73
N LEU C 158 -13.82 2.45 24.48
CA LEU C 158 -14.78 2.43 25.56
C LEU C 158 -14.31 3.38 26.63
N SER C 159 -15.25 3.84 27.45
CA SER C 159 -14.92 4.75 28.54
C SER C 159 -14.31 3.95 29.69
N ALA C 160 -13.08 3.51 29.48
CA ALA C 160 -12.33 2.73 30.45
C ALA C 160 -10.86 2.85 30.06
N SER C 161 -9.95 2.53 30.97
CA SER C 161 -8.53 2.63 30.66
C SER C 161 -8.17 1.69 29.52
N LYS C 162 -7.18 2.05 28.72
CA LYS C 162 -6.73 1.17 27.64
C LYS C 162 -6.23 -0.12 28.26
N GLU C 163 -5.53 -0.03 29.39
CA GLU C 163 -5.02 -1.21 30.10
C GLU C 163 -6.13 -2.23 30.39
N ASN C 164 -7.22 -1.76 30.97
CA ASN C 164 -8.32 -2.66 31.31
C ASN C 164 -9.00 -3.26 30.07
N GLN C 165 -9.10 -2.49 28.99
CA GLN C 165 -9.67 -3.01 27.76
C GLN C 165 -8.74 -4.11 27.19
N LEU C 166 -7.44 -3.88 27.24
CA LEU C 166 -6.47 -4.87 26.77
C LEU C 166 -6.53 -6.15 27.60
N ILE C 167 -6.66 -6.01 28.92
CA ILE C 167 -6.76 -7.17 29.80
C ILE C 167 -7.96 -8.03 29.42
N VAL C 168 -9.11 -7.40 29.24
CA VAL C 168 -10.32 -8.14 28.91
C VAL C 168 -10.19 -8.74 27.52
N LYS C 169 -9.53 -8.03 26.60
CA LYS C 169 -9.35 -8.58 25.26
C LYS C 169 -8.53 -9.87 25.26
N GLU C 170 -7.41 -9.93 25.96
CA GLU C 170 -6.64 -11.19 25.97
C GLU C 170 -7.48 -12.34 26.56
N ALA C 171 -8.33 -12.01 27.54
CA ALA C 171 -9.20 -12.99 28.16
C ALA C 171 -10.23 -13.55 27.19
N LEU C 172 -10.47 -12.86 26.09
CA LEU C 172 -11.46 -13.27 25.10
C LEU C 172 -10.88 -14.04 23.92
N VAL C 173 -9.57 -14.19 23.86
CA VAL C 173 -8.95 -14.93 22.77
C VAL C 173 -9.41 -16.39 22.83
N THR C 174 -9.97 -16.89 21.73
CA THR C 174 -10.42 -18.29 21.66
C THR C 174 -9.79 -19.12 20.54
N GLU C 175 -9.16 -18.46 19.56
CA GLU C 175 -8.47 -19.18 18.49
C GLU C 175 -7.25 -18.39 18.15
N ALA C 176 -6.13 -19.08 17.93
CA ALA C 176 -4.88 -18.41 17.64
C ALA C 176 -4.02 -19.14 16.62
N ALA C 177 -3.62 -18.40 15.59
CA ALA C 177 -2.67 -18.83 14.59
C ALA C 177 -1.82 -17.60 14.24
N PRO C 178 -0.69 -17.78 13.59
CA PRO C 178 0.18 -16.63 13.27
C PRO C 178 -0.55 -15.45 12.63
N GLU C 179 -1.42 -15.72 11.67
CA GLU C 179 -2.12 -14.64 10.97
C GLU C 179 -3.64 -14.77 11.08
N TYR C 180 -4.11 -15.33 12.17
CA TYR C 180 -5.54 -15.50 12.38
C TYR C 180 -5.79 -15.53 13.86
N LEU C 181 -6.58 -14.58 14.36
CA LEU C 181 -6.83 -14.50 15.79
C LEU C 181 -8.30 -14.20 16.02
N VAL C 182 -8.92 -14.94 16.93
CA VAL C 182 -10.33 -14.76 17.20
C VAL C 182 -10.54 -14.38 18.66
N HIS C 183 -11.32 -13.34 18.88
CA HIS C 183 -11.77 -12.97 20.21
C HIS C 183 -13.26 -13.25 20.18
N SER C 184 -13.79 -14.02 21.14
CA SER C 184 -15.21 -14.33 21.08
C SER C 184 -15.79 -14.68 22.43
N LYS C 185 -17.12 -14.67 22.49
CA LYS C 185 -17.84 -14.98 23.72
C LYS C 185 -19.20 -15.55 23.41
N THR C 186 -19.54 -16.66 24.07
CA THR C 186 -20.86 -17.25 23.92
C THR C 186 -21.78 -16.76 25.02
N GLY C 187 -23.08 -16.98 24.82
CA GLY C 187 -24.11 -16.69 25.80
C GLY C 187 -25.27 -17.64 25.57
N PHE C 188 -26.01 -17.97 26.63
CA PHE C 188 -27.11 -18.90 26.53
C PHE C 188 -28.01 -18.63 27.75
N SER C 189 -29.28 -18.28 27.54
CA SER C 189 -30.15 -17.96 28.66
C SER C 189 -30.81 -19.19 29.25
N GLY C 190 -30.74 -20.29 28.51
CA GLY C 190 -31.35 -21.53 28.94
C GLY C 190 -32.25 -22.05 27.85
N VAL C 191 -32.55 -23.35 27.89
CA VAL C 191 -33.44 -23.95 26.93
C VAL C 191 -34.86 -23.57 27.30
N GLY C 192 -35.53 -22.90 26.38
CA GLY C 192 -36.91 -22.48 26.61
C GLY C 192 -37.82 -23.47 25.95
N THR C 193 -39.07 -23.07 25.75
CA THR C 193 -40.01 -23.93 25.06
C THR C 193 -40.28 -23.35 23.70
N GLU C 194 -40.96 -24.12 22.87
CA GLU C 194 -41.30 -23.68 21.53
C GLU C 194 -41.94 -22.30 21.51
N SER C 195 -42.90 -22.04 22.39
CA SER C 195 -43.61 -20.76 22.41
C SER C 195 -42.87 -19.67 23.18
N ASN C 196 -41.95 -20.10 24.04
CA ASN C 196 -41.19 -19.18 24.88
C ASN C 196 -39.74 -19.64 24.91
N PRO C 197 -39.04 -19.41 23.81
CA PRO C 197 -37.66 -19.87 23.68
C PRO C 197 -36.67 -19.04 24.47
N GLY C 198 -35.53 -19.64 24.74
CA GLY C 198 -34.44 -18.92 25.34
C GLY C 198 -33.66 -18.33 24.17
N VAL C 199 -32.55 -17.69 24.47
CA VAL C 199 -31.70 -17.13 23.43
C VAL C 199 -30.26 -17.62 23.60
N ALA C 200 -29.58 -17.85 22.48
CA ALA C 200 -28.18 -18.25 22.50
C ALA C 200 -27.43 -17.29 21.60
N TRP C 201 -26.22 -16.92 22.02
CA TRP C 201 -25.38 -15.97 21.32
C TRP C 201 -23.98 -16.46 21.02
N TRP C 202 -23.38 -15.90 19.98
CA TRP C 202 -21.94 -15.99 19.77
C TRP C 202 -21.55 -14.64 19.18
N VAL C 203 -20.67 -13.92 19.86
CA VAL C 203 -20.21 -12.61 19.39
C VAL C 203 -18.69 -12.50 19.49
N GLY C 204 -18.10 -11.64 18.67
CA GLY C 204 -16.67 -11.44 18.73
C GLY C 204 -16.12 -10.77 17.48
N TRP C 205 -14.84 -11.01 17.24
CA TRP C 205 -14.21 -10.48 16.03
C TRP C 205 -13.10 -11.42 15.59
N VAL C 206 -12.83 -11.39 14.29
CA VAL C 206 -11.79 -12.19 13.69
C VAL C 206 -10.78 -11.28 13.04
N GLU C 207 -9.52 -11.46 13.38
CA GLU C 207 -8.43 -10.75 12.73
C GLU C 207 -7.77 -11.75 11.78
N LYS C 208 -7.92 -11.52 10.47
CA LYS C 208 -7.35 -12.40 9.47
C LYS C 208 -6.40 -11.59 8.65
N GLU C 209 -5.12 -11.96 8.69
CA GLU C 209 -4.07 -11.17 8.05
C GLU C 209 -4.18 -9.74 8.60
N THR C 210 -4.35 -8.73 7.75
CA THR C 210 -4.50 -7.37 8.26
C THR C 210 -5.94 -6.86 8.22
N GLU C 211 -6.89 -7.77 8.03
CA GLU C 211 -8.29 -7.37 8.06
C GLU C 211 -8.93 -7.76 9.38
N VAL C 212 -10.04 -7.11 9.71
CA VAL C 212 -10.80 -7.42 10.91
C VAL C 212 -12.28 -7.53 10.56
N TYR C 213 -12.95 -8.53 11.15
CA TYR C 213 -14.37 -8.74 10.94
C TYR C 213 -15.05 -8.84 12.28
N PHE C 214 -16.08 -8.02 12.49
CA PHE C 214 -16.86 -8.05 13.74
C PHE C 214 -18.11 -8.87 13.48
N PHE C 215 -18.53 -9.67 14.45
CA PHE C 215 -19.72 -10.48 14.24
C PHE C 215 -20.53 -10.64 15.50
N ALA C 216 -21.82 -10.85 15.28
CA ALA C 216 -22.73 -11.13 16.36
C ALA C 216 -23.84 -12.06 15.85
N PHE C 217 -24.06 -13.16 16.56
CA PHE C 217 -25.09 -14.12 16.21
C PHE C 217 -26.00 -14.37 17.38
N ASN C 218 -27.30 -14.46 17.11
CA ASN C 218 -28.22 -14.96 18.14
C ASN C 218 -29.31 -15.80 17.51
N MET C 219 -29.88 -16.71 18.31
CA MET C 219 -30.94 -17.57 17.84
C MET C 219 -31.84 -17.92 18.99
N ASP C 220 -33.07 -18.33 18.66
CA ASP C 220 -34.02 -18.80 19.65
C ASP C 220 -33.65 -20.25 19.92
N ILE C 221 -33.65 -20.66 21.17
CA ILE C 221 -33.32 -22.04 21.49
C ILE C 221 -34.42 -22.67 22.32
N ASP C 222 -34.97 -23.77 21.80
CA ASP C 222 -36.04 -24.50 22.48
C ASP C 222 -35.75 -26.01 22.47
N ASN C 223 -34.48 -26.35 22.22
CA ASN C 223 -34.04 -27.74 22.15
C ASN C 223 -32.57 -27.75 22.53
N GLU C 224 -32.23 -28.45 23.61
CA GLU C 224 -30.85 -28.46 24.10
C GLU C 224 -29.85 -28.90 23.03
N SER C 225 -30.26 -29.81 22.16
CA SER C 225 -29.36 -30.35 21.15
C SER C 225 -29.01 -29.36 20.03
N LYS C 226 -29.70 -28.22 19.98
CA LYS C 226 -29.46 -27.23 18.92
C LYS C 226 -28.41 -26.20 19.33
N LEU C 227 -27.95 -26.25 20.57
CA LEU C 227 -27.02 -25.25 21.06
C LEU C 227 -25.76 -25.06 20.21
N PRO C 228 -25.14 -26.13 19.70
CA PRO C 228 -23.91 -25.99 18.92
C PRO C 228 -24.08 -25.17 17.64
N LEU C 229 -25.32 -24.98 17.21
CA LEU C 229 -25.57 -24.20 16.00
C LEU C 229 -25.14 -22.76 16.16
N ARG C 230 -25.03 -22.29 17.40
CA ARG C 230 -24.61 -20.91 17.66
C ARG C 230 -23.19 -20.68 17.16
N LYS C 231 -22.42 -21.74 16.99
CA LYS C 231 -21.08 -21.62 16.44
C LYS C 231 -21.02 -22.10 14.99
N SER C 232 -21.76 -23.16 14.67
CA SER C 232 -21.67 -23.74 13.33
C SER C 232 -22.34 -22.89 12.27
N ILE C 233 -23.46 -22.24 12.59
CA ILE C 233 -24.12 -21.41 11.59
C ILE C 233 -23.23 -20.22 11.20
N PRO C 234 -22.77 -19.41 12.17
CA PRO C 234 -21.86 -18.32 11.84
C PRO C 234 -20.61 -18.80 11.12
N THR C 235 -20.07 -19.95 11.54
CA THR C 235 -18.86 -20.47 10.93
C THR C 235 -19.08 -20.76 9.45
N LYS C 236 -20.21 -21.39 9.12
CA LYS C 236 -20.54 -21.70 7.74
C LYS C 236 -20.72 -20.42 6.92
N ILE C 237 -21.37 -19.41 7.50
CA ILE C 237 -21.53 -18.15 6.77
C ILE C 237 -20.16 -17.51 6.54
N MET C 238 -19.33 -17.49 7.58
CA MET C 238 -18.01 -16.89 7.45
C MET C 238 -17.15 -17.66 6.46
N GLU C 239 -17.33 -18.97 6.41
CA GLU C 239 -16.62 -19.80 5.43
C GLU C 239 -17.01 -19.36 4.02
N SER C 240 -18.31 -19.21 3.79
CA SER C 240 -18.82 -18.83 2.48
C SER C 240 -18.34 -17.45 2.05
N GLU C 241 -17.98 -16.62 3.02
CA GLU C 241 -17.46 -15.28 2.75
C GLU C 241 -15.94 -15.29 2.54
N GLY C 242 -15.32 -16.46 2.67
CA GLY C 242 -13.90 -16.60 2.45
C GLY C 242 -13.02 -16.25 3.64
N ILE C 243 -13.63 -16.03 4.80
CA ILE C 243 -12.88 -15.63 5.98
C ILE C 243 -12.11 -16.78 6.62
N ILE C 244 -12.73 -17.94 6.67
CA ILE C 244 -12.13 -19.08 7.35
C ILE C 244 -11.00 -19.74 6.57
N GLY C 245 -11.24 -20.03 5.29
CA GLY C 245 -10.23 -20.63 4.45
C GLY C 245 -9.03 -19.72 4.24
N SER D 1 33.34 12.55 -22.08
CA SER D 1 34.23 12.68 -20.90
C SER D 1 33.47 13.26 -19.72
N ILE D 2 33.71 12.69 -18.55
CA ILE D 2 33.16 13.17 -17.30
C ILE D 2 34.15 13.89 -16.36
N THR D 3 33.66 14.92 -15.67
CA THR D 3 34.48 15.63 -14.70
C THR D 3 33.83 15.55 -13.33
N GLU D 4 34.64 15.63 -12.28
CA GLU D 4 34.12 15.56 -10.92
C GLU D 4 33.80 16.95 -10.38
N ASN D 5 32.62 17.07 -9.79
CA ASN D 5 32.19 18.30 -9.15
C ASN D 5 32.05 18.01 -7.66
N THR D 6 33.05 18.40 -6.87
CA THR D 6 33.05 18.09 -5.45
C THR D 6 31.87 18.69 -4.69
N SER D 7 31.45 19.88 -5.09
CA SER D 7 30.37 20.57 -4.40
C SER D 7 29.09 19.74 -4.37
N TRP D 8 28.89 18.88 -5.37
CA TRP D 8 27.67 18.07 -5.43
C TRP D 8 27.58 16.98 -4.35
N ASN D 9 28.63 16.81 -3.56
CA ASN D 9 28.60 15.85 -2.48
C ASN D 9 27.90 16.38 -1.24
N LYS D 10 27.52 17.65 -1.28
CA LYS D 10 26.94 18.34 -0.13
C LYS D 10 25.75 17.61 0.50
N GLU D 11 24.75 17.25 -0.31
CA GLU D 11 23.55 16.62 0.20
C GLU D 11 23.80 15.16 0.61
N PHE D 12 24.70 14.49 -0.11
CA PHE D 12 25.06 13.13 0.26
C PHE D 12 25.68 13.12 1.66
N SER D 13 26.59 14.05 1.90
CA SER D 13 27.25 14.15 3.20
C SER D 13 26.28 14.53 4.31
N ALA D 14 25.40 15.49 4.00
CA ALA D 14 24.44 16.01 4.96
C ALA D 14 23.44 14.95 5.42
N GLU D 15 23.10 14.02 4.52
CA GLU D 15 22.16 12.96 4.83
C GLU D 15 22.86 11.65 5.20
N ALA D 16 24.19 11.65 5.13
CA ALA D 16 24.98 10.47 5.44
C ALA D 16 24.59 9.28 4.59
N VAL D 17 24.52 9.51 3.28
CA VAL D 17 24.21 8.46 2.33
C VAL D 17 25.28 8.38 1.25
N ASN D 18 25.48 7.18 0.73
CA ASN D 18 26.42 6.92 -0.34
C ASN D 18 25.65 6.87 -1.65
N GLY D 19 26.06 7.66 -2.62
CA GLY D 19 25.37 7.66 -3.90
C GLY D 19 26.10 8.49 -4.92
N VAL D 20 25.52 8.54 -6.12
CA VAL D 20 26.11 9.28 -7.22
C VAL D 20 25.05 9.93 -8.08
N PHE D 21 25.39 11.11 -8.59
CA PHE D 21 24.56 11.83 -9.54
C PHE D 21 25.44 12.15 -10.74
N VAL D 22 24.93 11.83 -11.93
CA VAL D 22 25.59 12.15 -13.20
C VAL D 22 24.65 13.05 -13.97
N LEU D 23 25.17 14.19 -14.45
CA LEU D 23 24.37 15.17 -15.17
C LEU D 23 25.12 15.63 -16.41
N CYS D 24 24.45 15.62 -17.55
CA CYS D 24 25.07 15.99 -18.82
C CYS D 24 24.21 17.00 -19.58
N LYS D 25 24.80 18.12 -19.98
CA LYS D 25 24.08 19.12 -20.75
C LYS D 25 24.29 18.89 -22.25
N SER D 26 23.20 18.84 -23.01
CA SER D 26 23.21 18.68 -24.45
C SER D 26 23.52 17.27 -24.95
N SER D 27 24.58 16.66 -24.41
CA SER D 27 25.00 15.33 -24.82
C SER D 27 25.93 14.70 -23.78
N SER D 28 26.19 13.41 -23.94
CA SER D 28 27.04 12.66 -23.02
C SER D 28 28.53 13.02 -23.13
N LYS D 29 28.86 13.95 -24.02
CA LYS D 29 30.23 14.43 -24.16
C LYS D 29 30.54 15.53 -23.14
N SER D 30 29.53 15.98 -22.41
CA SER D 30 29.68 17.03 -21.41
C SER D 30 29.03 16.61 -20.10
N CYS D 31 29.64 15.65 -19.39
CA CYS D 31 29.06 15.12 -18.15
C CYS D 31 29.84 15.55 -16.92
N ALA D 32 29.12 15.69 -15.80
CA ALA D 32 29.72 15.99 -14.53
C ALA D 32 29.10 15.07 -13.47
N THR D 33 29.83 14.83 -12.39
CA THR D 33 29.35 13.95 -11.32
C THR D 33 29.98 14.31 -9.99
N ASN D 34 29.34 13.92 -8.90
CA ASN D 34 29.91 14.12 -7.58
C ASN D 34 31.03 13.11 -7.29
N ASP D 35 31.02 11.97 -7.98
CA ASP D 35 31.98 10.90 -7.67
C ASP D 35 32.33 10.07 -8.89
N LEU D 36 33.52 10.28 -9.43
CA LEU D 36 33.96 9.57 -10.62
C LEU D 36 33.90 8.06 -10.50
N ALA D 37 34.39 7.53 -9.39
CA ALA D 37 34.43 6.09 -9.21
C ALA D 37 33.03 5.48 -9.23
N ARG D 38 32.11 6.04 -8.46
CA ARG D 38 30.77 5.46 -8.39
C ARG D 38 29.98 5.71 -9.67
N ALA D 39 30.32 6.75 -10.42
CA ALA D 39 29.63 7.04 -11.67
C ALA D 39 29.72 5.86 -12.65
N SER D 40 30.83 5.14 -12.60
CA SER D 40 31.07 4.00 -13.50
C SER D 40 30.81 2.64 -12.83
N LYS D 41 30.46 2.65 -11.56
CA LYS D 41 30.14 1.42 -10.83
C LYS D 41 28.79 0.89 -11.27
N GLU D 42 28.68 -0.43 -11.45
CA GLU D 42 27.48 -1.03 -12.00
C GLU D 42 26.61 -1.68 -10.93
N TYR D 43 25.32 -1.34 -10.97
CA TYR D 43 24.33 -1.81 -10.00
C TYR D 43 23.12 -2.44 -10.69
N LEU D 44 22.37 -3.24 -9.94
CA LEU D 44 21.11 -3.78 -10.44
C LEU D 44 20.25 -2.63 -10.93
N PRO D 45 19.70 -2.70 -12.13
CA PRO D 45 18.85 -1.60 -12.61
C PRO D 45 17.47 -1.52 -11.95
N ALA D 46 16.99 -2.64 -11.41
CA ALA D 46 15.64 -2.70 -10.86
C ALA D 46 14.66 -2.18 -11.92
N SER D 47 13.64 -1.42 -11.53
CA SER D 47 12.61 -1.02 -12.50
C SER D 47 13.05 0.01 -13.53
N THR D 48 14.28 0.51 -13.47
CA THR D 48 14.72 1.33 -14.59
C THR D 48 14.79 0.44 -15.82
N PHE D 49 14.85 -0.88 -15.61
CA PHE D 49 14.88 -1.84 -16.72
C PHE D 49 13.57 -1.86 -17.52
N LYS D 50 12.51 -1.29 -16.96
CA LYS D 50 11.25 -1.21 -17.70
C LYS D 50 11.42 -0.47 -19.02
N ILE D 51 12.41 0.43 -19.08
CA ILE D 51 12.62 1.18 -20.32
C ILE D 51 13.07 0.25 -21.45
N PRO D 52 14.21 -0.42 -21.34
CA PRO D 52 14.59 -1.35 -22.40
C PRO D 52 13.56 -2.48 -22.59
N ASN D 53 13.01 -3.01 -21.51
CA ASN D 53 12.03 -4.09 -21.61
C ASN D 53 10.80 -3.67 -22.44
N ALA D 54 10.32 -2.44 -22.23
CA ALA D 54 9.19 -1.93 -23.00
C ALA D 54 9.52 -1.81 -24.48
N ILE D 55 10.70 -1.26 -24.78
CA ILE D 55 11.12 -1.12 -26.16
C ILE D 55 11.23 -2.51 -26.80
N ILE D 56 11.82 -3.46 -26.10
CA ILE D 56 12.00 -4.82 -26.63
C ILE D 56 10.64 -5.50 -26.82
N GLY D 57 9.74 -5.28 -25.87
CA GLY D 57 8.40 -5.82 -25.96
C GLY D 57 7.71 -5.32 -27.22
N LEU D 58 7.84 -4.03 -27.51
CA LEU D 58 7.25 -3.49 -28.73
C LEU D 58 7.93 -4.00 -30.00
N GLU D 59 9.26 -4.10 -29.97
CA GLU D 59 10.01 -4.49 -31.16
C GLU D 59 9.69 -5.92 -31.56
N THR D 60 9.53 -6.79 -30.58
CA THR D 60 9.27 -8.21 -30.82
C THR D 60 7.82 -8.50 -31.07
N GLY D 61 6.94 -7.52 -30.83
CA GLY D 61 5.52 -7.70 -31.01
C GLY D 61 4.82 -8.27 -29.79
N VAL D 62 5.56 -8.52 -28.71
CA VAL D 62 4.99 -9.02 -27.47
C VAL D 62 3.97 -8.01 -26.94
N ILE D 63 4.33 -6.74 -27.04
CA ILE D 63 3.40 -5.64 -26.77
C ILE D 63 2.90 -5.23 -28.15
N LYS D 64 1.58 -5.33 -28.38
CA LYS D 64 1.00 -5.07 -29.71
C LYS D 64 1.23 -3.68 -30.28
N ASN D 65 0.85 -2.66 -29.52
CA ASN D 65 1.05 -1.28 -29.92
C ASN D 65 0.89 -0.36 -28.71
N GLU D 66 0.92 0.95 -28.94
CA GLU D 66 0.89 1.89 -27.84
C GLU D 66 -0.40 1.82 -27.02
N HIS D 67 -1.47 1.26 -27.59
CA HIS D 67 -2.76 1.26 -26.91
C HIS D 67 -3.16 -0.06 -26.26
N GLN D 68 -2.23 -1.01 -26.24
CA GLN D 68 -2.52 -2.27 -25.58
C GLN D 68 -2.85 -2.07 -24.12
N VAL D 69 -3.88 -2.77 -23.65
CA VAL D 69 -4.28 -2.74 -22.25
C VAL D 69 -3.85 -4.05 -21.62
N PHE D 70 -3.15 -3.96 -20.49
CA PHE D 70 -2.72 -5.15 -19.78
C PHE D 70 -3.77 -5.43 -18.72
N LYS D 71 -4.61 -6.44 -18.96
CA LYS D 71 -5.70 -6.77 -18.06
C LYS D 71 -5.27 -7.64 -16.90
N TRP D 72 -5.89 -7.41 -15.75
CA TRP D 72 -5.60 -8.18 -14.55
C TRP D 72 -6.29 -9.54 -14.61
N ASP D 73 -5.58 -10.59 -14.21
CA ASP D 73 -6.15 -11.93 -14.18
C ASP D 73 -6.94 -12.13 -12.87
N GLY D 74 -6.27 -12.56 -11.80
CA GLY D 74 -6.94 -12.79 -10.53
C GLY D 74 -5.97 -13.11 -9.41
N ARG D 77 -3.71 -10.78 -4.99
CA ARG D 77 -2.32 -10.33 -4.95
C ARG D 77 -2.02 -9.61 -3.64
N ALA D 78 -0.75 -9.71 -3.21
CA ALA D 78 -0.29 -9.08 -1.98
C ALA D 78 -0.19 -7.56 -2.14
N MET D 79 -0.27 -7.09 -3.38
CA MET D 79 -0.24 -5.67 -3.67
C MET D 79 -1.50 -5.35 -4.44
N LYS D 80 -2.23 -4.34 -3.96
CA LYS D 80 -3.48 -3.94 -4.61
C LYS D 80 -3.19 -3.32 -5.96
N GLN D 81 -1.99 -2.74 -6.10
CA GLN D 81 -1.57 -2.14 -7.35
C GLN D 81 -1.56 -3.16 -8.48
N TRP D 82 -1.33 -4.44 -8.15
CA TRP D 82 -1.22 -5.48 -9.17
C TRP D 82 -2.58 -6.08 -9.56
N GLU D 83 -3.66 -5.48 -9.05
CA GLU D 83 -5.01 -5.97 -9.29
C GLU D 83 -5.83 -5.06 -10.21
N ARG D 84 -5.20 -4.16 -10.96
CA ARG D 84 -5.95 -3.29 -11.87
C ARG D 84 -5.50 -3.45 -13.33
N ASP D 85 -6.36 -3.07 -14.27
CA ASP D 85 -5.99 -3.06 -15.70
C ASP D 85 -5.14 -1.81 -15.90
N LEU D 86 -4.14 -1.91 -16.76
CA LEU D 86 -3.22 -0.79 -17.01
C LEU D 86 -2.88 -0.61 -18.47
N THR D 87 -2.59 0.64 -18.84
CA THR D 87 -2.05 0.94 -20.17
C THR D 87 -0.54 0.71 -20.10
N LEU D 88 0.13 0.88 -21.23
CA LEU D 88 1.58 0.73 -21.24
C LEU D 88 2.19 1.79 -20.33
N ARG D 89 1.70 3.01 -20.43
CA ARG D 89 2.18 4.09 -19.59
C ARG D 89 1.93 3.77 -18.12
N GLY D 90 0.73 3.30 -17.80
CA GLY D 90 0.43 2.94 -16.45
C GLY D 90 1.34 1.83 -15.92
N ALA D 91 1.59 0.82 -16.75
CA ALA D 91 2.41 -0.31 -16.35
C ALA D 91 3.85 0.13 -16.05
N ILE D 92 4.32 1.12 -16.78
CA ILE D 92 5.65 1.67 -16.57
C ILE D 92 5.72 2.53 -15.32
N GLN D 93 4.72 3.38 -15.13
CA GLN D 93 4.75 4.37 -14.05
C GLN D 93 4.24 3.93 -12.68
N VAL D 94 3.48 2.84 -12.62
CA VAL D 94 3.02 2.30 -11.34
C VAL D 94 3.60 0.91 -11.14
N SER D 95 3.61 0.43 -9.91
CA SER D 95 4.05 -0.92 -9.60
C SER D 95 3.16 -1.92 -10.35
N ALA D 96 3.79 -2.78 -11.14
CA ALA D 96 3.09 -3.72 -12.01
C ALA D 96 4.01 -4.89 -12.29
N VAL D 97 4.47 -5.54 -11.23
CA VAL D 97 5.45 -6.61 -11.35
C VAL D 97 5.06 -7.72 -12.33
N PRO D 98 3.85 -8.26 -12.19
CA PRO D 98 3.43 -9.36 -13.07
C PRO D 98 3.47 -8.99 -14.55
N VAL D 99 3.16 -7.74 -14.90
CA VAL D 99 3.13 -7.30 -16.29
C VAL D 99 4.51 -7.43 -16.94
N PHE D 100 5.52 -6.85 -16.31
CA PHE D 100 6.85 -6.90 -16.90
C PHE D 100 7.52 -8.26 -16.77
N GLN D 101 7.12 -9.04 -15.78
CA GLN D 101 7.60 -10.42 -15.67
C GLN D 101 7.11 -11.21 -16.88
N GLN D 102 5.84 -11.04 -17.24
CA GLN D 102 5.25 -11.75 -18.37
C GLN D 102 5.85 -11.27 -19.70
N ILE D 103 6.09 -9.96 -19.83
CA ILE D 103 6.72 -9.44 -21.04
C ILE D 103 8.08 -10.12 -21.24
N ALA D 104 8.88 -10.14 -20.18
CA ALA D 104 10.22 -10.73 -20.26
C ALA D 104 10.15 -12.20 -20.64
N ARG D 105 9.21 -12.93 -20.05
CA ARG D 105 9.06 -14.36 -20.37
C ARG D 105 8.75 -14.58 -21.85
N GLU D 106 7.85 -13.75 -22.37
CA GLU D 106 7.43 -13.85 -23.76
C GLU D 106 8.54 -13.46 -24.73
N VAL D 107 9.32 -12.44 -24.38
CA VAL D 107 10.47 -12.06 -25.18
C VAL D 107 11.44 -13.25 -25.25
N GLY D 108 11.76 -13.82 -24.10
CA GLY D 108 12.64 -14.97 -24.04
C GLY D 108 14.11 -14.58 -23.95
N GLU D 109 14.92 -15.49 -23.41
CA GLU D 109 16.33 -15.21 -23.19
C GLU D 109 17.11 -14.90 -24.46
N VAL D 110 16.90 -15.67 -25.52
CA VAL D 110 17.69 -15.44 -26.72
C VAL D 110 17.49 -14.03 -27.25
N ARG D 111 16.25 -13.61 -27.37
CA ARG D 111 15.96 -12.26 -27.89
C ARG D 111 16.39 -11.17 -26.91
N MET D 112 16.16 -11.42 -25.62
CA MET D 112 16.54 -10.44 -24.61
C MET D 112 18.04 -10.16 -24.69
N GLN D 113 18.83 -11.22 -24.79
CA GLN D 113 20.27 -11.11 -24.89
C GLN D 113 20.70 -10.32 -26.12
N LYS D 114 20.07 -10.60 -27.26
CA LYS D 114 20.37 -9.90 -28.50
C LYS D 114 20.13 -8.39 -28.38
N TYR D 115 18.99 -8.01 -27.81
CA TYR D 115 18.67 -6.59 -27.68
C TYR D 115 19.57 -5.87 -26.69
N LEU D 116 19.95 -6.54 -25.60
CA LEU D 116 20.81 -5.86 -24.64
C LEU D 116 22.20 -5.63 -25.23
N LYS D 117 22.60 -6.50 -26.16
CA LYS D 117 23.85 -6.30 -26.89
C LYS D 117 23.69 -5.07 -27.78
N LYS D 118 22.59 -5.01 -28.51
CA LYS D 118 22.34 -3.87 -29.39
C LYS D 118 22.31 -2.55 -28.62
N PHE D 119 21.73 -2.58 -27.42
CA PHE D 119 21.57 -1.37 -26.59
C PHE D 119 22.81 -1.05 -25.75
N SER D 120 23.82 -1.93 -25.77
CA SER D 120 25.01 -1.76 -24.94
C SER D 120 24.57 -1.53 -23.50
N TYR D 121 23.68 -2.41 -23.03
CA TYR D 121 23.09 -2.24 -21.72
C TYR D 121 23.87 -2.92 -20.59
N GLY D 122 24.77 -2.17 -19.97
CA GLY D 122 25.50 -2.65 -18.82
C GLY D 122 26.34 -3.89 -19.08
N ASN D 123 26.41 -4.78 -18.09
CA ASN D 123 27.19 -6.00 -18.24
C ASN D 123 26.48 -7.03 -19.11
N GLN D 124 25.25 -6.73 -19.52
CA GLN D 124 24.46 -7.59 -20.40
C GLN D 124 24.29 -9.02 -19.86
N ASN D 125 24.37 -9.16 -18.54
CA ASN D 125 24.23 -10.47 -17.92
C ASN D 125 22.80 -10.68 -17.46
N ILE D 126 22.06 -11.56 -18.14
CA ILE D 126 20.65 -11.76 -17.78
C ILE D 126 20.38 -13.08 -17.09
N SER D 127 21.42 -13.66 -16.51
CA SER D 127 21.22 -14.88 -15.76
C SER D 127 20.55 -14.49 -14.42
N GLY D 128 19.91 -15.47 -13.80
CA GLY D 128 19.20 -15.26 -12.54
C GLY D 128 17.70 -15.49 -12.65
N GLY D 129 17.24 -15.87 -13.84
CA GLY D 129 15.81 -16.11 -14.08
C GLY D 129 15.30 -15.05 -15.03
N ILE D 130 14.65 -15.47 -16.11
CA ILE D 130 14.22 -14.54 -17.16
C ILE D 130 13.24 -13.50 -16.69
N ASP D 131 12.50 -13.79 -15.62
CA ASP D 131 11.51 -12.85 -15.10
C ASP D 131 11.99 -12.04 -13.88
N LYS D 132 13.29 -12.09 -13.57
CA LYS D 132 13.79 -11.33 -12.41
C LYS D 132 15.27 -10.94 -12.47
N PHE D 133 15.91 -11.09 -13.61
CA PHE D 133 17.35 -10.83 -13.68
C PHE D 133 17.73 -9.39 -13.38
N TRP D 134 16.81 -8.46 -13.63
CA TRP D 134 17.08 -7.03 -13.43
C TRP D 134 16.90 -6.61 -11.97
N LEU D 135 16.34 -7.49 -11.15
CA LEU D 135 16.02 -7.16 -9.77
C LEU D 135 16.78 -8.01 -8.77
N GLU D 136 16.91 -9.30 -9.07
CA GLU D 136 17.56 -10.22 -8.15
C GLU D 136 18.71 -10.97 -8.77
N GLY D 137 18.95 -10.73 -10.06
CA GLY D 137 19.93 -11.48 -10.83
C GLY D 137 21.28 -10.83 -10.97
N GLN D 138 21.93 -11.11 -12.10
CA GLN D 138 23.30 -10.69 -12.33
C GLN D 138 23.46 -9.48 -13.20
N LEU D 139 22.35 -8.86 -13.63
CA LEU D 139 22.45 -7.68 -14.48
C LEU D 139 22.93 -6.48 -13.68
N ARG D 140 23.83 -5.71 -14.28
CA ARG D 140 24.37 -4.51 -13.66
C ARG D 140 24.57 -3.43 -14.70
N ILE D 141 24.32 -2.18 -14.31
CA ILE D 141 24.52 -1.03 -15.19
C ILE D 141 24.93 0.17 -14.37
N SER D 142 25.80 1.01 -14.93
CA SER D 142 26.26 2.21 -14.23
C SER D 142 25.41 3.44 -14.54
N ALA D 143 25.58 4.49 -13.74
CA ALA D 143 24.89 5.74 -13.98
C ALA D 143 25.33 6.34 -15.33
N VAL D 144 26.63 6.26 -15.64
CA VAL D 144 27.12 6.73 -16.93
C VAL D 144 26.44 5.98 -18.08
N ASN D 145 26.34 4.66 -17.96
CA ASN D 145 25.71 3.85 -19.01
C ASN D 145 24.23 4.19 -19.16
N GLN D 146 23.54 4.46 -18.05
CA GLN D 146 22.12 4.86 -18.11
C GLN D 146 22.01 6.16 -18.94
N VAL D 147 22.89 7.11 -18.69
CA VAL D 147 22.84 8.37 -19.44
C VAL D 147 23.06 8.11 -20.93
N GLU D 148 24.05 7.29 -21.25
CA GLU D 148 24.35 6.97 -22.66
C GLU D 148 23.13 6.32 -23.33
N PHE D 149 22.52 5.38 -22.62
CA PHE D 149 21.34 4.68 -23.11
C PHE D 149 20.16 5.63 -23.33
N LEU D 150 19.91 6.50 -22.35
CA LEU D 150 18.79 7.45 -22.45
C LEU D 150 19.02 8.48 -23.54
N GLU D 151 20.27 8.89 -23.71
CA GLU D 151 20.60 9.81 -24.79
C GLU D 151 20.27 9.17 -26.14
N SER D 152 20.64 7.92 -26.30
CA SER D 152 20.32 7.20 -27.53
C SER D 152 18.81 7.17 -27.76
N LEU D 153 18.05 6.88 -26.69
CA LEU D 153 16.60 6.85 -26.79
C LEU D 153 16.05 8.23 -27.21
N TYR D 154 16.55 9.27 -26.55
CA TYR D 154 16.15 10.64 -26.84
C TYR D 154 16.32 10.96 -28.33
N LEU D 155 17.45 10.53 -28.87
CA LEU D 155 17.80 10.80 -30.26
C LEU D 155 17.23 9.79 -31.27
N ASN D 156 16.48 8.81 -30.77
CA ASN D 156 15.91 7.74 -31.61
C ASN D 156 16.97 6.89 -32.26
N LYS D 157 18.12 6.76 -31.59
CA LYS D 157 19.28 6.05 -32.11
C LYS D 157 19.40 4.61 -31.62
N LEU D 158 18.47 4.15 -30.79
CA LEU D 158 18.50 2.75 -30.39
C LEU D 158 18.11 1.89 -31.57
N SER D 159 18.51 0.62 -31.50
CA SER D 159 18.20 -0.35 -32.53
C SER D 159 16.76 -0.81 -32.40
N ALA D 160 15.86 0.10 -32.71
CA ALA D 160 14.42 -0.12 -32.64
C ALA D 160 13.79 0.92 -33.56
N SER D 161 12.54 0.72 -33.95
CA SER D 161 11.87 1.69 -34.80
C SER D 161 11.73 3.02 -34.08
N LYS D 162 11.74 4.11 -34.82
CA LYS D 162 11.53 5.42 -34.21
C LYS D 162 10.15 5.44 -33.56
N GLU D 163 9.17 4.84 -34.22
CA GLU D 163 7.81 4.74 -33.68
C GLU D 163 7.81 4.17 -32.26
N ASN D 164 8.48 3.05 -32.06
CA ASN D 164 8.51 2.41 -30.76
C ASN D 164 9.28 3.21 -29.73
N GLN D 165 10.32 3.90 -30.17
CA GLN D 165 11.08 4.77 -29.27
C GLN D 165 10.20 5.94 -28.80
N LEU D 166 9.43 6.51 -29.72
CA LEU D 166 8.52 7.60 -29.40
C LEU D 166 7.42 7.14 -28.44
N ILE D 167 6.89 5.94 -28.66
CA ILE D 167 5.85 5.41 -27.78
C ILE D 167 6.35 5.31 -26.35
N VAL D 168 7.53 4.75 -26.17
CA VAL D 168 8.08 4.59 -24.83
C VAL D 168 8.41 5.96 -24.22
N LYS D 169 8.90 6.89 -25.03
CA LYS D 169 9.19 8.22 -24.53
C LYS D 169 7.95 8.91 -23.95
N GLU D 170 6.81 8.89 -24.66
CA GLU D 170 5.62 9.53 -24.09
C GLU D 170 5.22 8.85 -22.78
N ALA D 171 5.41 7.54 -22.70
CA ALA D 171 5.08 6.79 -21.49
C ALA D 171 5.94 7.17 -20.29
N LEU D 172 7.06 7.84 -20.56
CA LEU D 172 7.98 8.24 -19.51
C LEU D 172 7.82 9.70 -19.07
N VAL D 173 6.91 10.43 -19.70
CA VAL D 173 6.71 11.83 -19.28
C VAL D 173 6.16 11.87 -17.85
N THR D 174 6.82 12.63 -16.98
CA THR D 174 6.40 12.75 -15.59
C THR D 174 6.12 14.18 -15.12
N GLU D 175 6.61 15.18 -15.84
CA GLU D 175 6.30 16.57 -15.52
C GLU D 175 6.14 17.33 -16.83
N ALA D 176 5.16 18.23 -16.88
CA ALA D 176 4.88 18.93 -18.12
C ALA D 176 4.44 20.37 -17.88
N ALA D 177 5.15 21.28 -18.55
CA ALA D 177 4.81 22.70 -18.61
C ALA D 177 5.20 23.14 -20.03
N PRO D 178 4.73 24.30 -20.48
CA PRO D 178 5.02 24.74 -21.85
C PRO D 178 6.49 24.66 -22.25
N GLU D 179 7.39 25.10 -21.37
CA GLU D 179 8.81 25.08 -21.68
C GLU D 179 9.62 24.27 -20.68
N TYR D 180 9.01 23.22 -20.15
CA TYR D 180 9.69 22.33 -19.21
C TYR D 180 9.04 20.98 -19.27
N LEU D 181 9.80 19.98 -19.73
CA LEU D 181 9.29 18.64 -19.88
C LEU D 181 10.28 17.65 -19.30
N VAL D 182 9.79 16.75 -18.46
CA VAL D 182 10.66 15.77 -17.84
C VAL D 182 10.22 14.38 -18.20
N HIS D 183 11.17 13.56 -18.65
CA HIS D 183 10.98 12.13 -18.86
C HIS D 183 11.83 11.46 -17.77
N SER D 184 11.24 10.57 -16.98
CA SER D 184 12.03 9.97 -15.92
C SER D 184 11.50 8.63 -15.49
N LYS D 185 12.33 7.90 -14.75
CA LYS D 185 11.98 6.57 -14.28
C LYS D 185 12.71 6.24 -12.99
N THR D 186 11.98 5.70 -12.03
CA THR D 186 12.59 5.28 -10.78
C THR D 186 12.91 3.80 -10.79
N GLY D 187 13.76 3.40 -9.86
CA GLY D 187 14.04 2.00 -9.61
C GLY D 187 14.40 1.83 -8.14
N PHE D 188 14.10 0.68 -7.56
CA PHE D 188 14.41 0.43 -6.16
C PHE D 188 14.40 -1.08 -5.95
N SER D 189 15.52 -1.62 -5.48
CA SER D 189 15.66 -3.07 -5.34
C SER D 189 15.11 -3.58 -4.01
N GLY D 190 14.89 -2.67 -3.07
CA GLY D 190 14.38 -3.02 -1.75
C GLY D 190 15.31 -2.52 -0.67
N VAL D 191 14.81 -2.40 0.55
CA VAL D 191 15.62 -1.94 1.66
C VAL D 191 16.58 -3.04 2.07
N GLY D 192 17.86 -2.74 2.10
CA GLY D 192 18.87 -3.71 2.47
C GLY D 192 19.37 -3.43 3.85
N THR D 193 20.45 -4.11 4.22
CA THR D 193 21.06 -3.90 5.49
C THR D 193 22.23 -2.96 5.29
N GLU D 194 22.80 -2.49 6.37
CA GLU D 194 23.94 -1.59 6.31
C GLU D 194 25.12 -2.18 5.53
N SER D 195 25.43 -3.46 5.73
CA SER D 195 26.54 -4.08 5.03
C SER D 195 26.17 -4.51 3.61
N ASN D 196 24.88 -4.72 3.36
CA ASN D 196 24.40 -5.15 2.05
C ASN D 196 23.17 -4.33 1.65
N PRO D 197 23.39 -3.08 1.30
CA PRO D 197 22.27 -2.18 1.01
C PRO D 197 21.59 -2.47 -0.32
N GLY D 198 20.35 -2.02 -0.44
CA GLY D 198 19.64 -2.09 -1.70
C GLY D 198 20.08 -0.88 -2.50
N VAL D 199 19.60 -0.76 -3.74
CA VAL D 199 19.91 0.38 -4.58
C VAL D 199 18.63 1.06 -5.05
N ALA D 200 18.65 2.39 -5.05
CA ALA D 200 17.53 3.18 -5.55
C ALA D 200 18.05 4.10 -6.65
N TRP D 201 17.28 4.21 -7.71
CA TRP D 201 17.64 4.99 -8.86
C TRP D 201 16.61 6.04 -9.23
N TRP D 202 17.10 7.10 -9.86
CA TRP D 202 16.23 8.00 -10.61
C TRP D 202 17.00 8.40 -11.85
N VAL D 203 16.43 8.13 -13.02
CA VAL D 203 17.10 8.44 -14.29
C VAL D 203 16.14 9.11 -15.26
N GLY D 204 16.67 9.89 -16.19
CA GLY D 204 15.83 10.53 -17.18
C GLY D 204 16.49 11.71 -17.85
N TRP D 205 15.67 12.63 -18.35
CA TRP D 205 16.17 13.87 -18.93
C TRP D 205 15.16 14.98 -18.75
N VAL D 206 15.69 16.20 -18.74
CA VAL D 206 14.88 17.40 -18.59
C VAL D 206 15.08 18.24 -19.83
N GLU D 207 13.98 18.65 -20.47
CA GLU D 207 14.03 19.59 -21.58
C GLU D 207 13.55 20.91 -20.99
N LYS D 208 14.44 21.89 -20.94
CA LYS D 208 14.12 23.19 -20.39
C LYS D 208 14.39 24.21 -21.48
N GLU D 209 13.34 24.91 -21.89
CA GLU D 209 13.47 25.83 -23.02
C GLU D 209 14.04 25.00 -24.18
N THR D 210 15.18 25.38 -24.77
CA THR D 210 15.75 24.58 -25.86
C THR D 210 16.99 23.78 -25.45
N GLU D 211 17.18 23.62 -24.16
CA GLU D 211 18.31 22.85 -23.66
C GLU D 211 17.80 21.50 -23.18
N VAL D 212 18.70 20.54 -23.12
CA VAL D 212 18.35 19.20 -22.64
C VAL D 212 19.43 18.75 -21.67
N TYR D 213 19.00 18.11 -20.60
CA TYR D 213 19.92 17.64 -19.57
C TYR D 213 19.60 16.18 -19.29
N PHE D 214 20.59 15.30 -19.43
CA PHE D 214 20.40 13.89 -19.12
C PHE D 214 20.92 13.64 -17.72
N PHE D 215 20.22 12.81 -16.96
CA PHE D 215 20.66 12.54 -15.60
C PHE D 215 20.47 11.10 -15.17
N ALA D 216 21.31 10.69 -14.23
CA ALA D 216 21.19 9.38 -13.62
C ALA D 216 21.68 9.47 -12.18
N PHE D 217 20.84 9.01 -11.27
CA PHE D 217 21.13 9.00 -9.84
C PHE D 217 20.98 7.61 -9.29
N ASN D 218 21.91 7.19 -8.43
CA ASN D 218 21.67 6.00 -7.62
C ASN D 218 22.23 6.20 -6.23
N MET D 219 21.71 5.45 -5.27
CA MET D 219 22.17 5.53 -3.90
C MET D 219 21.95 4.21 -3.19
N ASP D 220 22.74 3.98 -2.14
CA ASP D 220 22.55 2.78 -1.31
C ASP D 220 21.44 3.06 -0.31
N ILE D 221 20.55 2.09 -0.12
CA ILE D 221 19.44 2.25 0.80
C ILE D 221 19.49 1.14 1.84
N ASP D 222 19.69 1.53 3.09
CA ASP D 222 19.73 0.59 4.20
C ASP D 222 18.75 1.03 5.29
N ASN D 223 17.84 1.93 4.93
CA ASN D 223 16.84 2.48 5.84
C ASN D 223 15.71 3.01 4.98
N GLU D 224 14.50 2.47 5.15
CA GLU D 224 13.40 2.86 4.28
C GLU D 224 13.09 4.35 4.34
N SER D 225 13.49 5.01 5.43
CA SER D 225 13.23 6.44 5.60
C SER D 225 14.03 7.33 4.64
N LYS D 226 15.07 6.77 4.04
CA LYS D 226 15.94 7.53 3.14
C LYS D 226 15.51 7.51 1.68
N LEU D 227 14.49 6.72 1.35
CA LEU D 227 14.09 6.59 -0.05
C LEU D 227 13.73 7.91 -0.75
N PRO D 228 13.08 8.85 -0.07
CA PRO D 228 12.74 10.14 -0.70
C PRO D 228 13.95 10.95 -1.21
N LEU D 229 15.13 10.64 -0.69
CA LEU D 229 16.35 11.34 -1.11
C LEU D 229 16.67 11.08 -2.56
N ARG D 230 16.09 10.01 -3.05
CA ARG D 230 16.33 9.55 -4.37
C ARG D 230 15.80 10.54 -5.41
N LYS D 231 14.81 11.34 -5.03
CA LYS D 231 14.34 12.41 -5.89
C LYS D 231 14.82 13.78 -5.39
N SER D 232 14.91 13.94 -4.07
CA SER D 232 15.25 15.25 -3.51
C SER D 232 16.71 15.66 -3.73
N ILE D 233 17.63 14.71 -3.66
CA ILE D 233 19.04 15.06 -3.88
C ILE D 233 19.27 15.53 -5.33
N PRO D 234 18.87 14.76 -6.34
CA PRO D 234 19.02 15.25 -7.72
C PRO D 234 18.28 16.56 -7.96
N THR D 235 17.12 16.73 -7.35
CA THR D 235 16.37 17.96 -7.54
C THR D 235 17.17 19.15 -7.02
N LYS D 236 17.73 19.02 -5.82
CA LYS D 236 18.51 20.09 -5.23
C LYS D 236 19.74 20.42 -6.07
N ILE D 237 20.40 19.40 -6.62
CA ILE D 237 21.57 19.62 -7.45
C ILE D 237 21.15 20.36 -8.73
N MET D 238 20.10 19.87 -9.38
CA MET D 238 19.64 20.51 -10.60
C MET D 238 19.17 21.94 -10.35
N GLU D 239 18.58 22.18 -9.18
CA GLU D 239 18.15 23.52 -8.84
C GLU D 239 19.37 24.43 -8.66
N SER D 240 20.42 23.91 -8.02
CA SER D 240 21.64 24.68 -7.80
C SER D 240 22.29 25.05 -9.13
N GLU D 241 22.06 24.23 -10.16
CA GLU D 241 22.60 24.49 -11.49
C GLU D 241 21.70 25.41 -12.32
N GLY D 242 20.59 25.85 -11.75
CA GLY D 242 19.68 26.77 -12.40
C GLY D 242 18.70 26.14 -13.38
N ILE D 243 18.64 24.81 -13.39
CA ILE D 243 17.79 24.10 -14.33
C ILE D 243 16.30 24.23 -14.03
N ILE D 244 15.94 24.14 -12.75
CA ILE D 244 14.52 24.14 -12.39
C ILE D 244 13.79 25.47 -12.67
N GLY D 245 14.37 26.57 -12.25
CA GLY D 245 13.73 27.86 -12.46
C GLY D 245 14.63 28.78 -13.25
N GLY D 246 14.46 30.09 -13.06
CA GLY D 246 15.29 31.04 -13.76
C GLY D 246 15.00 32.48 -13.40
#